data_2AUK
#
_entry.id   2AUK
#
_cell.length_a   58.030
_cell.length_b   95.130
_cell.length_c   86.070
_cell.angle_alpha   90.00
_cell.angle_beta   92.06
_cell.angle_gamma   90.00
#
_symmetry.space_group_name_H-M   'P 1 21 1'
#
loop_
_entity.id
_entity.type
_entity.pdbx_description
1 polymer "DNA-directed RNA polymerase beta' chain"
2 water water
#
_entity_poly.entity_id   1
_entity_poly.type   'polypeptide(L)'
_entity_poly.pdbx_seq_one_letter_code
;GSHMAAAESSIQVKNKGSIKLSNVKSVVNSSGKLVITSRNTELKLIDEFGRTKESYKVPYGAVLAKGDGEQVAGGETVAN
WDPHTMPVITEVSGFVRFTDMIDGQTITRQTDELTGLSSLVVLDSAERTAGGKDLRPALKIVDAQGNDVLIPGTDMPAQY
FLPGKAIVQLEDGVQISSGDTLARIPQESG
;
_entity_poly.pdbx_strand_id   A,B,C,D,E
#
# COMPACT_ATOMS: atom_id res chain seq x y z
N GLY A 1 -6.28 26.27 0.79
CA GLY A 1 -5.66 27.27 1.71
C GLY A 1 -5.19 26.66 3.01
N SER A 2 -5.06 27.48 4.04
CA SER A 2 -4.62 27.00 5.35
C SER A 2 -5.81 27.03 6.29
N HIS A 3 -6.91 27.57 5.78
CA HIS A 3 -8.14 27.68 6.55
C HIS A 3 -8.83 26.31 6.65
N MET A 4 -8.41 25.39 5.78
CA MET A 4 -8.98 24.04 5.72
C MET A 4 -8.23 22.99 6.53
N ALA A 5 -8.96 21.93 6.88
CA ALA A 5 -8.40 20.83 7.65
C ALA A 5 -7.57 19.94 6.74
N ALA A 6 -7.84 20.01 5.45
CA ALA A 6 -7.14 19.19 4.45
C ALA A 6 -5.68 19.62 4.25
N ALA A 7 -5.39 20.88 4.51
CA ALA A 7 -4.03 21.40 4.36
C ALA A 7 -3.06 20.65 5.25
N GLU A 8 -3.60 19.81 6.12
CA GLU A 8 -2.79 19.02 7.04
C GLU A 8 -2.18 17.80 6.38
N SER A 9 -2.90 17.21 5.44
CA SER A 9 -2.43 16.01 4.74
C SER A 9 -2.21 16.28 3.24
N SER A 10 -1.63 17.43 2.94
CA SER A 10 -1.36 17.80 1.55
C SER A 10 -0.43 19.00 1.49
N ILE A 11 0.20 19.18 0.34
CA ILE A 11 1.13 20.29 0.15
C ILE A 11 0.65 21.26 -0.91
N GLN A 12 0.05 22.36 -0.48
CA GLN A 12 -0.38 23.38 -1.42
C GLN A 12 0.77 24.38 -1.48
N VAL A 13 1.56 24.29 -2.53
CA VAL A 13 2.71 25.17 -2.70
C VAL A 13 2.29 26.64 -2.61
N LYS A 14 3.13 27.46 -1.97
CA LYS A 14 2.83 28.88 -1.79
C LYS A 14 3.16 29.81 -2.94
N ASN A 15 4.34 29.69 -3.52
CA ASN A 15 4.74 30.55 -4.63
C ASN A 15 4.90 29.77 -5.91
N LYS A 16 5.06 30.48 -7.02
CA LYS A 16 5.26 29.86 -8.32
C LYS A 16 6.73 29.43 -8.38
N GLY A 17 7.02 28.43 -9.22
CA GLY A 17 8.38 27.96 -9.35
C GLY A 17 8.40 26.52 -9.82
N SER A 18 9.44 25.79 -9.49
CA SER A 18 9.53 24.40 -9.88
C SER A 18 9.78 23.45 -8.70
N ILE A 19 9.24 22.24 -8.80
CA ILE A 19 9.39 21.24 -7.74
C ILE A 19 10.74 20.53 -7.80
N LYS A 20 11.38 20.40 -6.65
CA LYS A 20 12.66 19.71 -6.55
C LYS A 20 12.52 18.65 -5.46
N LEU A 21 12.62 17.38 -5.87
CA LEU A 21 12.50 16.26 -4.95
C LEU A 21 13.86 15.62 -4.70
N SER A 22 14.14 15.27 -3.45
CA SER A 22 15.41 14.63 -3.14
C SER A 22 15.19 13.35 -2.36
N ASN A 23 16.01 12.34 -2.62
CA ASN A 23 15.90 11.05 -1.96
C ASN A 23 14.51 10.49 -2.23
N VAL A 24 14.09 10.61 -3.48
CA VAL A 24 12.78 10.14 -3.86
C VAL A 24 12.81 8.82 -4.59
N LYS A 25 11.87 7.95 -4.26
CA LYS A 25 11.71 6.68 -4.92
C LYS A 25 10.22 6.67 -5.20
N SER A 26 9.85 6.41 -6.44
CA SER A 26 8.45 6.44 -6.80
C SER A 26 8.11 5.34 -7.79
N VAL A 27 6.81 5.09 -7.94
CA VAL A 27 6.30 4.09 -8.84
C VAL A 27 4.89 4.53 -9.23
N VAL A 28 4.49 4.19 -10.46
CA VAL A 28 3.14 4.51 -10.97
C VAL A 28 2.25 3.31 -10.68
N ASN A 29 1.13 3.50 -9.99
CA ASN A 29 0.26 2.38 -9.68
C ASN A 29 -0.83 2.22 -10.73
N SER A 30 -1.67 1.20 -10.60
CA SER A 30 -2.68 0.98 -11.63
C SER A 30 -3.73 2.06 -11.75
N SER A 31 -3.68 3.05 -10.86
CA SER A 31 -4.63 4.15 -10.93
C SER A 31 -3.95 5.30 -11.68
N GLY A 32 -2.75 5.07 -12.16
CA GLY A 32 -2.03 6.12 -12.86
C GLY A 32 -1.53 7.20 -11.91
N LYS A 33 -1.32 6.85 -10.65
CA LYS A 33 -0.85 7.79 -9.65
C LYS A 33 0.64 7.55 -9.39
N LEU A 34 1.39 8.62 -9.27
CA LEU A 34 2.82 8.53 -8.99
C LEU A 34 2.93 8.42 -7.47
N VAL A 35 3.30 7.23 -6.99
CA VAL A 35 3.39 6.97 -5.57
C VAL A 35 4.80 7.03 -5.00
N ILE A 36 4.94 7.71 -3.87
CA ILE A 36 6.24 7.83 -3.21
C ILE A 36 6.50 6.56 -2.39
N THR A 37 7.55 5.84 -2.75
CA THR A 37 7.89 4.60 -2.06
C THR A 37 9.11 4.71 -1.16
N SER A 38 9.55 5.93 -0.86
CA SER A 38 10.68 6.11 0.04
C SER A 38 10.17 6.77 1.32
N ARG A 39 10.92 6.62 2.41
CA ARG A 39 10.53 7.18 3.70
C ARG A 39 11.15 8.54 4.01
N ASN A 40 12.19 8.91 3.25
CA ASN A 40 12.89 10.18 3.50
C ASN A 40 12.75 11.25 2.42
N THR A 41 11.64 11.23 1.68
CA THR A 41 11.45 12.21 0.61
C THR A 41 11.10 13.61 1.07
N GLU A 42 11.81 14.59 0.54
CA GLU A 42 11.54 15.99 0.83
C GLU A 42 11.26 16.74 -0.49
N LEU A 43 10.22 17.54 -0.45
CA LEU A 43 9.75 18.33 -1.58
C LEU A 43 10.03 19.81 -1.35
N LYS A 44 10.74 20.41 -2.29
CA LYS A 44 11.08 21.82 -2.22
C LYS A 44 10.52 22.60 -3.40
N LEU A 45 10.26 23.88 -3.15
CA LEU A 45 9.79 24.78 -4.21
C LEU A 45 10.99 25.67 -4.54
N ILE A 46 11.45 25.60 -5.78
CA ILE A 46 12.59 26.40 -6.23
C ILE A 46 12.16 27.57 -7.12
N ASP A 47 12.58 28.79 -6.78
CA ASP A 47 12.21 29.95 -7.59
C ASP A 47 12.94 29.94 -8.94
N GLU A 48 12.72 30.98 -9.74
CA GLU A 48 13.35 31.08 -11.06
C GLU A 48 14.88 31.12 -11.02
N PHE A 49 15.44 31.43 -9.86
CA PHE A 49 16.89 31.50 -9.75
C PHE A 49 17.54 30.25 -9.17
N GLY A 50 16.75 29.21 -8.95
CA GLY A 50 17.30 27.99 -8.39
C GLY A 50 17.38 28.04 -6.87
N ARG A 51 16.73 29.04 -6.27
CA ARG A 51 16.75 29.18 -4.83
C ARG A 51 15.53 28.53 -4.16
N THR A 52 15.79 27.86 -3.04
CA THR A 52 14.73 27.18 -2.29
C THR A 52 13.92 28.18 -1.48
N LYS A 53 12.61 28.14 -1.63
CA LYS A 53 11.74 29.05 -0.91
C LYS A 53 10.81 28.31 0.05
N GLU A 54 10.56 27.04 -0.25
CA GLU A 54 9.69 26.20 0.56
C GLU A 54 10.29 24.80 0.64
N SER A 55 10.08 24.14 1.77
CA SER A 55 10.59 22.79 1.95
C SER A 55 9.59 22.00 2.78
N TYR A 56 9.25 20.79 2.30
CA TYR A 56 8.29 19.96 2.99
C TYR A 56 8.72 18.50 3.04
N LYS A 57 8.28 17.82 4.10
CA LYS A 57 8.58 16.41 4.26
C LYS A 57 7.39 15.71 3.59
N VAL A 58 7.67 14.73 2.75
CA VAL A 58 6.56 14.01 2.12
C VAL A 58 6.54 12.58 2.65
N PRO A 59 5.39 12.14 3.17
CA PRO A 59 5.22 10.80 3.73
C PRO A 59 5.21 9.66 2.71
N TYR A 60 5.66 8.50 3.17
CA TYR A 60 5.66 7.28 2.39
C TYR A 60 4.23 7.03 1.89
N GLY A 61 4.08 6.70 0.61
CA GLY A 61 2.75 6.44 0.07
C GLY A 61 2.00 7.64 -0.48
N ALA A 62 2.53 8.85 -0.29
CA ALA A 62 1.86 10.02 -0.82
C ALA A 62 1.84 9.99 -2.33
N VAL A 63 0.81 10.59 -2.91
CA VAL A 63 0.66 10.67 -4.34
C VAL A 63 1.27 12.02 -4.76
N LEU A 64 2.08 12.01 -5.81
CA LEU A 64 2.69 13.23 -6.32
C LEU A 64 1.90 13.66 -7.53
N ALA A 65 1.45 14.91 -7.55
CA ALA A 65 0.68 15.41 -8.67
C ALA A 65 1.57 15.58 -9.88
N LYS A 66 2.85 15.90 -9.63
CA LYS A 66 3.81 16.11 -10.69
C LYS A 66 5.15 15.54 -10.30
N GLY A 67 5.94 15.15 -11.30
CA GLY A 67 7.25 14.59 -11.03
C GLY A 67 8.28 15.66 -10.71
N ASP A 68 9.49 15.23 -10.42
CA ASP A 68 10.59 16.13 -10.09
C ASP A 68 10.93 17.13 -11.19
N GLY A 69 11.12 18.38 -10.81
CA GLY A 69 11.47 19.40 -11.78
C GLY A 69 10.29 20.09 -12.45
N GLU A 70 9.10 19.54 -12.33
CA GLU A 70 7.95 20.16 -12.97
C GLU A 70 7.67 21.57 -12.44
N GLN A 71 7.21 22.43 -13.35
CA GLN A 71 6.87 23.81 -13.03
C GLN A 71 5.50 23.82 -12.34
N VAL A 72 5.28 24.81 -11.45
CA VAL A 72 4.02 24.93 -10.74
C VAL A 72 3.70 26.37 -10.39
N ALA A 73 2.41 26.64 -10.16
CA ALA A 73 1.93 27.98 -9.81
C ALA A 73 1.63 28.01 -8.33
N GLY A 74 1.56 29.22 -7.77
CA GLY A 74 1.26 29.35 -6.36
C GLY A 74 -0.14 28.83 -6.11
N GLY A 75 -0.41 28.34 -4.91
CA GLY A 75 -1.73 27.83 -4.61
C GLY A 75 -2.00 26.42 -5.09
N GLU A 76 -1.22 25.96 -6.08
CA GLU A 76 -1.39 24.61 -6.61
C GLU A 76 -1.01 23.52 -5.59
N THR A 77 -1.81 22.45 -5.56
CA THR A 77 -1.57 21.31 -4.68
C THR A 77 -0.69 20.29 -5.41
N VAL A 78 0.45 19.95 -4.83
CA VAL A 78 1.37 19.03 -5.49
C VAL A 78 1.52 17.63 -4.90
N ALA A 79 1.03 17.45 -3.67
CA ALA A 79 1.13 16.15 -3.01
C ALA A 79 -0.09 15.97 -2.12
N ASN A 80 -0.55 14.74 -2.04
CA ASN A 80 -1.73 14.42 -1.25
C ASN A 80 -1.52 13.07 -0.54
N TRP A 81 -2.14 12.89 0.62
CA TRP A 81 -2.00 11.64 1.37
C TRP A 81 -2.99 11.50 2.52
N ASP A 82 -3.17 10.27 2.99
CA ASP A 82 -4.07 9.98 4.10
C ASP A 82 -3.29 10.26 5.37
N PRO A 83 -3.77 11.19 6.21
CA PRO A 83 -3.02 11.49 7.44
C PRO A 83 -3.32 10.58 8.63
N HIS A 84 -4.48 9.92 8.59
CA HIS A 84 -4.89 9.05 9.69
C HIS A 84 -4.55 7.59 9.44
N THR A 85 -3.87 7.32 8.34
CA THR A 85 -3.55 5.95 7.99
C THR A 85 -2.12 5.80 7.50
N MET A 86 -1.63 4.56 7.49
CA MET A 86 -0.29 4.22 7.06
C MET A 86 -0.52 3.12 6.01
N PRO A 87 0.02 3.29 4.79
CA PRO A 87 -0.22 2.28 3.76
C PRO A 87 0.79 1.14 3.63
N VAL A 88 0.27 -0.03 3.24
CA VAL A 88 1.09 -1.21 2.98
C VAL A 88 0.98 -1.33 1.45
N ILE A 89 2.09 -1.05 0.78
CA ILE A 89 2.12 -1.03 -0.68
C ILE A 89 2.88 -2.20 -1.29
N THR A 90 2.33 -2.79 -2.34
CA THR A 90 2.99 -3.91 -2.99
C THR A 90 4.13 -3.38 -3.85
N GLU A 91 5.25 -4.08 -3.82
CA GLU A 91 6.41 -3.70 -4.60
C GLU A 91 6.33 -4.30 -6.00
N VAL A 92 5.49 -5.32 -6.16
CA VAL A 92 5.36 -5.99 -7.44
C VAL A 92 3.93 -6.11 -7.97
N SER A 93 3.85 -6.39 -9.26
CA SER A 93 2.58 -6.55 -9.93
C SER A 93 2.20 -8.03 -9.94
N GLY A 94 0.90 -8.29 -10.14
CA GLY A 94 0.44 -9.66 -10.15
C GLY A 94 -1.02 -9.78 -9.76
N PHE A 95 -1.29 -10.66 -8.81
CA PHE A 95 -2.65 -10.89 -8.34
C PHE A 95 -2.56 -11.13 -6.85
N VAL A 96 -3.56 -10.62 -6.11
CA VAL A 96 -3.59 -10.81 -4.68
C VAL A 96 -4.05 -12.22 -4.33
N ARG A 97 -3.35 -12.86 -3.41
CA ARG A 97 -3.73 -14.20 -2.98
C ARG A 97 -3.75 -14.26 -1.46
N PHE A 98 -4.95 -14.35 -0.92
CA PHE A 98 -5.15 -14.43 0.52
C PHE A 98 -4.50 -15.69 1.10
N THR A 99 -3.89 -15.55 2.27
CA THR A 99 -3.34 -16.69 2.99
C THR A 99 -3.60 -16.40 4.47
N ASP A 100 -4.24 -17.35 5.14
CA ASP A 100 -4.59 -17.23 6.55
C ASP A 100 -5.54 -16.05 6.85
N MET A 101 -6.37 -15.72 5.85
CA MET A 101 -7.36 -14.66 5.98
C MET A 101 -8.68 -15.38 6.15
N ILE A 102 -9.05 -15.70 7.39
CA ILE A 102 -10.29 -16.44 7.65
C ILE A 102 -11.33 -15.62 8.43
N ASP A 103 -12.50 -15.47 7.81
CA ASP A 103 -13.60 -14.71 8.41
C ASP A 103 -13.94 -15.20 9.82
N GLY A 104 -13.95 -14.27 10.77
CA GLY A 104 -14.25 -14.61 12.15
C GLY A 104 -13.07 -15.14 12.95
N GLN A 105 -11.98 -15.49 12.27
CA GLN A 105 -10.79 -16.01 12.94
C GLN A 105 -9.64 -15.02 12.87
N THR A 106 -9.37 -14.47 11.69
CA THR A 106 -8.28 -13.50 11.55
C THR A 106 -8.74 -12.20 10.92
N ILE A 107 -9.91 -12.23 10.29
CA ILE A 107 -10.46 -11.04 9.67
C ILE A 107 -11.97 -11.02 9.85
N THR A 108 -12.53 -9.85 9.61
CA THR A 108 -13.97 -9.69 9.67
C THR A 108 -14.28 -8.58 8.68
N ARG A 109 -15.50 -8.57 8.18
CA ARG A 109 -15.96 -7.58 7.23
C ARG A 109 -16.69 -6.45 7.92
N GLN A 110 -16.28 -5.21 7.65
CA GLN A 110 -16.93 -4.07 8.26
C GLN A 110 -17.54 -3.18 7.19
N THR A 111 -18.83 -2.91 7.34
CA THR A 111 -19.56 -2.10 6.37
C THR A 111 -19.70 -0.65 6.82
N ASP A 112 -19.61 0.25 5.86
CA ASP A 112 -19.75 1.68 6.13
C ASP A 112 -21.25 1.99 6.07
N GLU A 113 -21.83 2.36 7.21
CA GLU A 113 -23.25 2.68 7.28
C GLU A 113 -23.73 3.58 6.13
N LEU A 114 -22.97 4.64 5.87
CA LEU A 114 -23.30 5.62 4.85
C LEU A 114 -23.23 5.21 3.38
N THR A 115 -22.08 4.70 2.95
CA THR A 115 -21.87 4.32 1.57
C THR A 115 -22.24 2.89 1.20
N GLY A 116 -22.44 2.05 2.21
CA GLY A 116 -22.78 0.67 1.93
C GLY A 116 -21.60 -0.15 1.44
N LEU A 117 -20.45 0.50 1.25
CA LEU A 117 -19.24 -0.20 0.82
C LEU A 117 -18.70 -0.92 2.04
N SER A 118 -17.83 -1.90 1.82
CA SER A 118 -17.27 -2.64 2.95
C SER A 118 -15.80 -2.99 2.75
N SER A 119 -15.12 -3.28 3.86
CA SER A 119 -13.72 -3.63 3.85
C SER A 119 -13.44 -4.75 4.82
N LEU A 120 -12.51 -5.62 4.46
CA LEU A 120 -12.12 -6.70 5.34
C LEU A 120 -11.10 -6.07 6.29
N VAL A 121 -11.26 -6.31 7.59
CA VAL A 121 -10.36 -5.75 8.58
C VAL A 121 -9.72 -6.87 9.38
N VAL A 122 -8.40 -6.85 9.49
CA VAL A 122 -7.69 -7.85 10.25
C VAL A 122 -7.96 -7.67 11.75
N LEU A 123 -8.25 -8.77 12.43
CA LEU A 123 -8.52 -8.74 13.87
C LEU A 123 -7.20 -8.68 14.63
N ASP A 124 -7.11 -7.86 15.67
CA ASP A 124 -5.86 -7.82 16.44
C ASP A 124 -5.82 -9.03 17.37
N SER A 125 -4.66 -9.30 17.96
CA SER A 125 -4.48 -10.45 18.85
C SER A 125 -5.69 -10.74 19.73
N ALA A 126 -6.12 -9.74 20.49
CA ALA A 126 -7.28 -9.89 21.37
C ALA A 126 -8.47 -10.46 20.61
N GLU A 127 -9.08 -9.63 19.77
CA GLU A 127 -10.25 -10.02 18.98
C GLU A 127 -10.16 -11.40 18.35
N ARG A 128 -8.96 -11.96 18.28
CA ARG A 128 -8.80 -13.27 17.65
C ARG A 128 -9.11 -14.44 18.55
N THR A 129 -9.70 -15.45 17.93
CA THR A 129 -10.06 -16.68 18.62
C THR A 129 -8.76 -17.37 19.02
N ALA A 130 -8.87 -18.50 19.72
CA ALA A 130 -7.70 -19.24 20.16
C ALA A 130 -7.08 -19.90 18.93
N GLY A 131 -7.92 -20.51 18.11
CA GLY A 131 -7.43 -21.17 16.92
C GLY A 131 -6.75 -20.23 15.94
N GLY A 132 -7.13 -18.95 15.95
CA GLY A 132 -6.52 -18.01 15.02
C GLY A 132 -5.37 -17.20 15.57
N LYS A 133 -5.03 -17.42 16.84
CA LYS A 133 -3.95 -16.69 17.50
C LYS A 133 -2.61 -16.90 16.81
N ASP A 134 -2.34 -18.15 16.40
CA ASP A 134 -1.08 -18.48 15.74
C ASP A 134 -1.03 -18.25 14.23
N LEU A 135 -2.16 -17.96 13.61
CA LEU A 135 -2.12 -17.71 12.18
C LEU A 135 -1.54 -16.34 11.89
N ARG A 136 -1.02 -16.15 10.68
CA ARG A 136 -0.45 -14.86 10.31
C ARG A 136 -1.01 -14.41 8.94
N PRO A 137 -2.18 -13.75 8.94
CA PRO A 137 -2.82 -13.26 7.71
C PRO A 137 -1.86 -12.48 6.81
N ALA A 138 -1.92 -12.77 5.51
CA ALA A 138 -1.02 -12.08 4.58
C ALA A 138 -1.55 -12.08 3.16
N LEU A 139 -1.04 -11.13 2.37
CA LEU A 139 -1.39 -11.02 0.98
C LEU A 139 -0.16 -11.42 0.18
N LYS A 140 -0.27 -12.57 -0.48
CA LYS A 140 0.80 -13.09 -1.28
C LYS A 140 0.53 -12.63 -2.70
N ILE A 141 1.57 -12.32 -3.44
CA ILE A 141 1.39 -11.86 -4.81
C ILE A 141 1.79 -12.98 -5.77
N VAL A 142 0.84 -13.42 -6.59
CA VAL A 142 1.10 -14.48 -7.55
C VAL A 142 0.79 -13.95 -8.94
N ASP A 143 1.23 -14.67 -9.97
CA ASP A 143 0.98 -14.21 -11.32
C ASP A 143 -0.25 -14.87 -11.91
N ALA A 144 -0.45 -14.67 -13.21
CA ALA A 144 -1.59 -15.21 -13.92
C ALA A 144 -1.71 -16.74 -13.85
N GLN A 145 -0.58 -17.40 -13.65
CA GLN A 145 -0.54 -18.87 -13.58
C GLN A 145 -0.64 -19.37 -12.14
N GLY A 146 -0.66 -18.43 -11.19
CA GLY A 146 -0.74 -18.80 -9.79
C GLY A 146 0.62 -19.09 -9.18
N ASN A 147 1.68 -18.73 -9.90
CA ASN A 147 3.04 -18.95 -9.40
C ASN A 147 3.51 -17.72 -8.63
N ASP A 148 4.50 -17.89 -7.78
CA ASP A 148 5.00 -16.79 -6.98
C ASP A 148 5.67 -15.69 -7.80
N VAL A 149 5.70 -14.50 -7.22
CA VAL A 149 6.35 -13.36 -7.84
C VAL A 149 7.40 -13.00 -6.81
N LEU A 150 8.66 -12.94 -7.22
CA LEU A 150 9.72 -12.64 -6.28
C LEU A 150 10.00 -11.17 -6.11
N ILE A 151 10.38 -10.78 -4.90
CA ILE A 151 10.72 -9.39 -4.64
C ILE A 151 11.98 -9.14 -5.46
N PRO A 152 12.00 -8.07 -6.28
CA PRO A 152 13.14 -7.72 -7.13
C PRO A 152 14.55 -8.16 -6.69
N GLY A 153 15.10 -9.08 -7.47
CA GLY A 153 16.43 -9.59 -7.23
C GLY A 153 16.70 -10.46 -6.03
N THR A 154 15.75 -11.32 -5.66
CA THR A 154 15.93 -12.22 -4.52
C THR A 154 15.19 -13.53 -4.76
N ASP A 155 15.16 -14.38 -3.74
CA ASP A 155 14.45 -15.66 -3.80
C ASP A 155 13.28 -15.54 -2.82
N MET A 156 12.98 -14.28 -2.46
CA MET A 156 11.89 -13.95 -1.54
C MET A 156 10.54 -13.77 -2.24
N PRO A 157 9.68 -14.80 -2.23
CA PRO A 157 8.39 -14.60 -2.89
C PRO A 157 7.70 -13.43 -2.19
N ALA A 158 7.06 -12.56 -2.95
CA ALA A 158 6.39 -11.39 -2.37
C ALA A 158 5.15 -11.80 -1.59
N GLN A 159 5.16 -11.52 -0.29
CA GLN A 159 4.07 -11.82 0.60
C GLN A 159 4.02 -10.69 1.62
N TYR A 160 2.85 -10.08 1.81
CA TYR A 160 2.75 -9.00 2.76
C TYR A 160 1.85 -9.35 3.94
N PHE A 161 2.46 -9.62 5.08
CA PHE A 161 1.73 -9.97 6.30
C PHE A 161 1.00 -8.70 6.75
N LEU A 162 -0.21 -8.87 7.25
CA LEU A 162 -1.01 -7.73 7.70
C LEU A 162 -1.17 -7.65 9.22
N PRO A 163 -0.91 -6.47 9.80
CA PRO A 163 -1.04 -6.32 11.25
C PRO A 163 -2.51 -6.16 11.67
N GLY A 164 -2.78 -6.33 12.96
CA GLY A 164 -4.14 -6.19 13.45
C GLY A 164 -4.70 -4.82 13.05
N LYS A 165 -6.00 -4.81 12.76
CA LYS A 165 -6.74 -3.60 12.39
C LYS A 165 -6.50 -3.11 10.96
N ALA A 166 -5.51 -3.67 10.26
CA ALA A 166 -5.25 -3.23 8.90
C ALA A 166 -6.53 -3.37 8.09
N ILE A 167 -6.80 -2.39 7.23
CA ILE A 167 -8.00 -2.37 6.40
C ILE A 167 -7.59 -2.72 4.97
N VAL A 168 -8.05 -3.87 4.53
CA VAL A 168 -7.74 -4.39 3.20
C VAL A 168 -8.40 -3.62 2.06
N GLN A 169 -7.58 -3.13 1.13
CA GLN A 169 -8.07 -2.38 -0.03
C GLN A 169 -8.34 -3.26 -1.25
N LEU A 170 -7.57 -4.33 -1.39
CA LEU A 170 -7.68 -5.22 -2.54
C LEU A 170 -7.92 -6.65 -2.07
N GLU A 171 -9.03 -7.24 -2.51
CA GLU A 171 -9.36 -8.59 -2.07
C GLU A 171 -8.82 -9.73 -2.92
N ASP A 172 -9.10 -10.96 -2.48
CA ASP A 172 -8.61 -12.17 -3.13
C ASP A 172 -8.76 -12.22 -4.66
N GLY A 173 -7.65 -12.50 -5.34
CA GLY A 173 -7.68 -12.60 -6.79
C GLY A 173 -7.66 -11.31 -7.59
N VAL A 174 -7.79 -10.16 -6.93
CA VAL A 174 -7.78 -8.89 -7.64
C VAL A 174 -6.44 -8.65 -8.33
N GLN A 175 -6.48 -8.09 -9.53
CA GLN A 175 -5.26 -7.81 -10.29
C GLN A 175 -4.64 -6.52 -9.73
N ILE A 176 -3.33 -6.52 -9.55
CA ILE A 176 -2.64 -5.36 -9.03
C ILE A 176 -1.37 -5.03 -9.79
N SER A 177 -0.94 -3.78 -9.62
CA SER A 177 0.28 -3.32 -10.25
C SER A 177 1.17 -2.81 -9.13
N SER A 178 2.47 -2.85 -9.36
CA SER A 178 3.41 -2.36 -8.35
C SER A 178 2.97 -0.95 -7.99
N GLY A 179 3.04 -0.60 -6.72
CA GLY A 179 2.62 0.73 -6.32
C GLY A 179 1.22 0.78 -5.73
N ASP A 180 0.41 -0.25 -5.96
CA ASP A 180 -0.95 -0.30 -5.44
C ASP A 180 -0.94 -0.55 -3.94
N THR A 181 -1.85 0.10 -3.24
CA THR A 181 -1.97 -0.05 -1.80
C THR A 181 -2.76 -1.32 -1.47
N LEU A 182 -2.13 -2.25 -0.78
CA LEU A 182 -2.79 -3.49 -0.42
C LEU A 182 -3.71 -3.32 0.79
N ALA A 183 -3.29 -2.48 1.73
CA ALA A 183 -4.05 -2.28 2.96
C ALA A 183 -3.63 -0.99 3.66
N ARG A 184 -4.48 -0.54 4.58
CA ARG A 184 -4.19 0.66 5.34
C ARG A 184 -4.26 0.38 6.82
N ILE A 185 -3.24 0.83 7.55
CA ILE A 185 -3.15 0.64 8.99
C ILE A 185 -3.64 1.87 9.76
N PRO A 186 -4.77 1.74 10.46
CA PRO A 186 -5.37 2.82 11.24
C PRO A 186 -4.44 3.28 12.37
N GLN A 187 -4.69 4.47 12.88
CA GLN A 187 -3.88 5.02 13.96
C GLN A 187 -4.46 4.69 15.30
N GLU A 188 -3.66 4.87 16.34
CA GLU A 188 -4.10 4.62 17.70
C GLU A 188 -4.74 5.91 18.25
N SER A 189 -6.05 5.84 18.50
CA SER A 189 -6.82 6.97 19.01
C SER A 189 -6.72 7.14 20.53
N GLU B 8 25.15 -15.40 5.97
CA GLU B 8 25.13 -14.83 7.34
C GLU B 8 24.18 -13.63 7.48
N SER B 9 23.13 -13.61 6.66
CA SER B 9 22.15 -12.52 6.72
C SER B 9 20.85 -13.03 6.11
N SER B 10 20.85 -14.30 5.74
CA SER B 10 19.67 -14.94 5.17
C SER B 10 19.78 -16.46 5.22
N ILE B 11 18.63 -17.12 5.14
CA ILE B 11 18.60 -18.57 5.16
C ILE B 11 17.96 -19.07 3.87
N GLN B 12 18.62 -20.02 3.24
CA GLN B 12 18.09 -20.62 2.02
C GLN B 12 17.94 -22.10 2.31
N VAL B 13 16.71 -22.57 2.19
CA VAL B 13 16.42 -23.96 2.45
C VAL B 13 17.08 -24.77 1.32
N LYS B 14 17.53 -25.98 1.62
CA LYS B 14 18.20 -26.82 0.63
C LYS B 14 17.30 -27.87 0.00
N ASN B 15 16.34 -28.36 0.78
CA ASN B 15 15.42 -29.38 0.31
C ASN B 15 14.02 -28.79 0.14
N LYS B 16 13.18 -29.51 -0.58
CA LYS B 16 11.80 -29.09 -0.74
C LYS B 16 11.19 -29.66 0.53
N GLY B 17 10.23 -28.97 1.11
CA GLY B 17 9.61 -29.46 2.33
C GLY B 17 8.72 -28.40 2.92
N SER B 18 8.47 -28.50 4.22
CA SER B 18 7.64 -27.54 4.91
C SER B 18 8.43 -26.92 6.05
N ILE B 19 8.17 -25.64 6.29
CA ILE B 19 8.82 -24.87 7.34
C ILE B 19 8.26 -25.18 8.71
N LYS B 20 9.14 -25.36 9.69
CA LYS B 20 8.70 -25.60 11.05
C LYS B 20 9.52 -24.75 12.01
N LEU B 21 8.82 -23.91 12.77
CA LEU B 21 9.45 -23.01 13.72
C LEU B 21 9.28 -23.46 15.16
N SER B 22 10.32 -23.22 15.97
CA SER B 22 10.28 -23.57 17.38
C SER B 22 10.73 -22.39 18.23
N ASN B 23 10.16 -22.27 19.42
CA ASN B 23 10.48 -21.19 20.34
C ASN B 23 10.39 -19.88 19.59
N VAL B 24 9.32 -19.71 18.85
CA VAL B 24 9.17 -18.49 18.10
C VAL B 24 8.11 -17.55 18.70
N LYS B 25 8.38 -16.26 18.61
CA LYS B 25 7.48 -15.21 19.03
C LYS B 25 7.61 -14.30 17.84
N SER B 26 6.49 -13.87 17.28
CA SER B 26 6.54 -13.02 16.11
C SER B 26 5.45 -11.94 16.11
N VAL B 27 5.72 -10.85 15.40
CA VAL B 27 4.78 -9.76 15.32
C VAL B 27 4.86 -9.24 13.89
N VAL B 28 3.73 -8.76 13.38
CA VAL B 28 3.70 -8.22 12.03
C VAL B 28 3.85 -6.70 12.14
N ASN B 29 4.76 -6.12 11.38
CA ASN B 29 4.95 -4.69 11.50
C ASN B 29 4.17 -3.88 10.47
N SER B 30 4.52 -2.60 10.29
CA SER B 30 3.80 -1.76 9.33
C SER B 30 4.32 -1.88 7.90
N SER B 31 5.33 -2.69 7.70
CA SER B 31 5.92 -2.90 6.37
C SER B 31 5.52 -4.21 5.72
N GLY B 32 4.56 -4.91 6.31
CA GLY B 32 4.14 -6.17 5.73
C GLY B 32 5.06 -7.33 6.10
N LYS B 33 5.91 -7.14 7.11
CA LYS B 33 6.84 -8.20 7.51
C LYS B 33 6.53 -8.92 8.83
N LEU B 34 6.85 -10.21 8.86
CA LEU B 34 6.67 -11.03 10.05
C LEU B 34 8.04 -11.01 10.73
N VAL B 35 8.10 -10.30 11.85
CA VAL B 35 9.32 -10.11 12.63
C VAL B 35 9.43 -11.02 13.85
N ILE B 36 10.58 -11.66 13.99
CA ILE B 36 10.79 -12.53 15.13
C ILE B 36 11.21 -11.72 16.35
N THR B 37 10.56 -12.01 17.48
CA THR B 37 10.87 -11.30 18.71
C THR B 37 11.40 -12.21 19.81
N SER B 38 11.58 -13.49 19.52
CA SER B 38 12.16 -14.38 20.51
C SER B 38 13.67 -14.38 20.22
N ARG B 39 14.47 -14.96 21.11
CA ARG B 39 15.92 -14.96 20.93
C ARG B 39 16.53 -16.31 20.57
N ASN B 40 15.76 -17.37 20.60
CA ASN B 40 16.34 -18.66 20.27
C ASN B 40 15.46 -19.44 19.31
N THR B 41 14.84 -18.72 18.38
CA THR B 41 13.99 -19.36 17.39
C THR B 41 14.80 -20.32 16.56
N GLU B 42 14.20 -21.46 16.29
CA GLU B 42 14.85 -22.46 15.48
C GLU B 42 13.94 -22.69 14.27
N LEU B 43 14.50 -22.57 13.07
CA LEU B 43 13.71 -22.78 11.86
C LEU B 43 14.17 -24.12 11.26
N LYS B 44 13.23 -25.05 11.17
CA LYS B 44 13.52 -26.37 10.63
C LYS B 44 12.82 -26.68 9.32
N LEU B 45 13.47 -27.48 8.49
CA LEU B 45 12.88 -27.91 7.23
C LEU B 45 12.42 -29.34 7.46
N ILE B 46 11.14 -29.59 7.23
CA ILE B 46 10.57 -30.92 7.41
C ILE B 46 10.28 -31.60 6.07
N ASP B 47 10.71 -32.84 5.92
CA ASP B 47 10.46 -33.54 4.68
C ASP B 47 9.10 -34.23 4.67
N GLU B 48 8.85 -34.94 3.58
CA GLU B 48 7.61 -35.67 3.34
C GLU B 48 7.23 -36.63 4.46
N PHE B 49 8.23 -37.15 5.17
CA PHE B 49 8.00 -38.11 6.25
C PHE B 49 7.92 -37.48 7.62
N GLY B 50 8.16 -36.18 7.72
CA GLY B 50 8.11 -35.54 9.01
C GLY B 50 9.47 -35.48 9.69
N ARG B 51 10.52 -35.86 8.97
CA ARG B 51 11.87 -35.84 9.50
C ARG B 51 12.45 -34.44 9.37
N THR B 52 13.27 -34.05 10.34
CA THR B 52 13.92 -32.76 10.31
C THR B 52 15.17 -32.92 9.44
N LYS B 53 15.21 -32.23 8.30
CA LYS B 53 16.35 -32.32 7.40
C LYS B 53 17.35 -31.18 7.52
N GLU B 54 16.87 -30.02 7.97
CA GLU B 54 17.71 -28.84 8.12
C GLU B 54 17.30 -28.09 9.38
N SER B 55 18.23 -27.37 9.99
CA SER B 55 17.92 -26.62 11.18
C SER B 55 18.77 -25.36 11.21
N TYR B 56 18.12 -24.21 11.35
CA TYR B 56 18.82 -22.93 11.36
C TYR B 56 18.42 -22.10 12.55
N LYS B 57 19.37 -21.32 13.05
CA LYS B 57 19.09 -20.42 14.16
C LYS B 57 18.69 -19.10 13.52
N VAL B 58 17.55 -18.55 13.95
CA VAL B 58 17.05 -17.30 13.42
C VAL B 58 17.14 -16.25 14.51
N PRO B 59 17.96 -15.21 14.29
CA PRO B 59 18.19 -14.09 15.20
C PRO B 59 16.97 -13.26 15.52
N TYR B 60 17.00 -12.62 16.68
CA TYR B 60 15.95 -11.73 17.12
C TYR B 60 15.86 -10.61 16.08
N GLY B 61 14.64 -10.26 15.66
CA GLY B 61 14.49 -9.19 14.70
C GLY B 61 14.56 -9.60 13.24
N ALA B 62 14.79 -10.89 13.01
CA ALA B 62 14.86 -11.40 11.65
C ALA B 62 13.46 -11.33 11.03
N VAL B 63 13.40 -11.25 9.71
CA VAL B 63 12.12 -11.23 9.00
C VAL B 63 11.91 -12.61 8.38
N LEU B 64 10.72 -13.18 8.59
CA LEU B 64 10.40 -14.49 8.05
C LEU B 64 9.62 -14.27 6.77
N ALA B 65 10.08 -14.86 5.67
CA ALA B 65 9.38 -14.71 4.41
C ALA B 65 8.01 -15.40 4.43
N LYS B 66 7.96 -16.52 5.15
CA LYS B 66 6.72 -17.28 5.25
C LYS B 66 6.46 -17.70 6.68
N GLY B 67 5.20 -18.00 6.98
CA GLY B 67 4.84 -18.41 8.33
C GLY B 67 5.16 -19.86 8.59
N ASP B 68 4.86 -20.32 9.81
CA ASP B 68 5.10 -21.70 10.22
C ASP B 68 4.20 -22.66 9.45
N GLY B 69 4.74 -23.82 9.07
CA GLY B 69 3.95 -24.79 8.34
C GLY B 69 3.91 -24.57 6.84
N GLU B 70 4.46 -23.45 6.38
CA GLU B 70 4.45 -23.15 4.95
C GLU B 70 5.34 -24.09 4.18
N GLN B 71 4.92 -24.43 2.96
CA GLN B 71 5.66 -25.32 2.10
C GLN B 71 6.70 -24.52 1.32
N VAL B 72 7.86 -25.11 1.10
CA VAL B 72 8.93 -24.42 0.41
C VAL B 72 9.70 -25.30 -0.57
N ALA B 73 10.41 -24.67 -1.49
CA ALA B 73 11.17 -25.38 -2.51
C ALA B 73 12.67 -25.18 -2.29
N GLY B 74 13.48 -26.12 -2.81
CA GLY B 74 14.91 -26.01 -2.65
C GLY B 74 15.46 -24.68 -3.11
N GLY B 75 16.40 -24.12 -2.35
CA GLY B 75 17.00 -22.84 -2.72
C GLY B 75 16.14 -21.62 -2.44
N GLU B 76 14.96 -21.83 -1.87
CA GLU B 76 14.06 -20.72 -1.55
C GLU B 76 14.52 -19.99 -0.29
N THR B 77 14.55 -18.65 -0.35
CA THR B 77 14.96 -17.84 0.80
C THR B 77 13.80 -17.69 1.78
N VAL B 78 14.01 -18.12 3.02
CA VAL B 78 12.95 -18.09 4.02
C VAL B 78 13.11 -17.11 5.18
N ALA B 79 14.26 -16.46 5.28
CA ALA B 79 14.51 -15.50 6.35
C ALA B 79 15.60 -14.50 5.98
N ASN B 80 15.50 -13.29 6.53
CA ASN B 80 16.46 -12.23 6.29
C ASN B 80 16.68 -11.43 7.55
N TRP B 81 17.87 -10.84 7.66
CA TRP B 81 18.21 -10.00 8.80
C TRP B 81 19.52 -9.26 8.56
N ASP B 82 19.75 -8.22 9.37
CA ASP B 82 20.96 -7.42 9.29
C ASP B 82 21.92 -8.00 10.33
N PRO B 83 22.99 -8.66 9.88
CA PRO B 83 23.97 -9.26 10.79
C PRO B 83 24.91 -8.28 11.47
N HIS B 84 24.88 -7.03 11.03
CA HIS B 84 25.78 -6.03 11.59
C HIS B 84 25.23 -5.17 12.71
N THR B 85 23.93 -5.30 13.02
CA THR B 85 23.36 -4.51 14.11
C THR B 85 22.27 -5.24 14.85
N MET B 86 21.85 -4.65 15.97
CA MET B 86 20.80 -5.18 16.82
C MET B 86 19.67 -4.17 16.64
N PRO B 87 18.43 -4.62 16.44
CA PRO B 87 17.40 -3.59 16.28
C PRO B 87 16.64 -3.34 17.56
N VAL B 88 16.30 -2.08 17.81
CA VAL B 88 15.49 -1.70 18.97
C VAL B 88 14.09 -1.74 18.40
N ILE B 89 13.32 -2.76 18.78
CA ILE B 89 11.96 -2.95 18.28
C ILE B 89 10.85 -2.52 19.22
N THR B 90 9.87 -1.78 18.69
CA THR B 90 8.77 -1.33 19.52
C THR B 90 7.74 -2.43 19.74
N GLU B 91 7.26 -2.54 20.97
CA GLU B 91 6.27 -3.53 21.35
C GLU B 91 4.85 -3.00 21.11
N VAL B 92 4.73 -1.69 20.94
CA VAL B 92 3.43 -1.07 20.74
C VAL B 92 3.32 -0.21 19.49
N SER B 93 2.07 0.04 19.09
CA SER B 93 1.73 0.87 17.96
C SER B 93 1.47 2.31 18.43
N GLY B 94 1.57 3.26 17.52
CA GLY B 94 1.33 4.65 17.89
C GLY B 94 2.15 5.60 17.04
N PHE B 95 2.73 6.62 17.67
CA PHE B 95 3.56 7.57 16.95
C PHE B 95 4.86 7.79 17.72
N VAL B 96 5.93 8.02 16.98
CA VAL B 96 7.23 8.25 17.59
C VAL B 96 7.35 9.72 17.99
N ARG B 97 7.77 9.95 19.23
CA ARG B 97 7.99 11.30 19.71
C ARG B 97 9.41 11.38 20.24
N PHE B 98 10.24 12.17 19.56
CA PHE B 98 11.63 12.38 19.97
C PHE B 98 11.60 13.03 21.35
N THR B 99 12.45 12.53 22.24
CA THR B 99 12.53 13.03 23.61
C THR B 99 14.00 13.21 24.02
N ASP B 100 14.33 14.40 24.50
CA ASP B 100 15.69 14.72 24.94
C ASP B 100 16.73 14.43 23.86
N MET B 101 16.34 14.60 22.60
CA MET B 101 17.26 14.37 21.50
C MET B 101 17.60 15.71 20.88
N ILE B 102 18.68 16.29 21.38
CA ILE B 102 19.14 17.60 20.95
C ILE B 102 20.47 17.51 20.23
N ASP B 103 20.49 18.00 19.00
CA ASP B 103 21.69 18.00 18.19
C ASP B 103 22.88 18.59 18.95
N GLY B 104 24.02 17.93 18.92
CA GLY B 104 25.18 18.44 19.63
C GLY B 104 25.21 18.12 21.12
N GLN B 105 24.04 17.96 21.75
CA GLN B 105 24.00 17.65 23.19
C GLN B 105 23.85 16.16 23.54
N THR B 106 22.95 15.46 22.86
CA THR B 106 22.75 14.05 23.13
C THR B 106 22.78 13.21 21.86
N ILE B 107 22.69 13.87 20.71
CA ILE B 107 22.73 13.19 19.41
C ILE B 107 23.51 14.05 18.43
N THR B 108 23.82 13.48 17.27
CA THR B 108 24.52 14.21 16.21
C THR B 108 23.84 13.82 14.90
N ARG B 109 23.66 14.80 14.01
CA ARG B 109 23.01 14.51 12.73
C ARG B 109 24.08 14.12 11.71
N GLN B 110 23.72 13.23 10.81
CA GLN B 110 24.65 12.75 9.78
C GLN B 110 24.02 12.66 8.41
N THR B 111 24.86 12.69 7.39
CA THR B 111 24.43 12.60 6.00
C THR B 111 25.41 11.68 5.29
N ASP B 112 24.90 10.63 4.66
CA ASP B 112 25.73 9.67 3.95
C ASP B 112 26.04 10.14 2.53
N GLU B 113 27.29 9.94 2.11
CA GLU B 113 27.73 10.35 0.78
C GLU B 113 27.10 9.54 -0.34
N LEU B 114 27.17 8.21 -0.23
CA LEU B 114 26.62 7.32 -1.25
C LEU B 114 25.09 7.34 -1.38
N THR B 115 24.39 7.58 -0.28
CA THR B 115 22.93 7.60 -0.31
C THR B 115 22.32 8.99 -0.25
N GLY B 116 22.95 9.89 0.50
CA GLY B 116 22.44 11.24 0.62
C GLY B 116 21.40 11.37 1.72
N LEU B 117 21.14 10.25 2.40
CA LEU B 117 20.15 10.22 3.48
C LEU B 117 20.67 10.77 4.80
N SER B 118 19.79 11.39 5.57
CA SER B 118 20.13 11.94 6.87
C SER B 118 19.67 10.99 7.98
N SER B 119 20.49 10.86 9.02
CA SER B 119 20.17 10.00 10.15
C SER B 119 20.67 10.60 11.46
N LEU B 120 20.27 9.97 12.56
CA LEU B 120 20.66 10.42 13.90
C LEU B 120 21.49 9.37 14.61
N VAL B 121 22.53 9.82 15.28
CA VAL B 121 23.39 8.91 16.04
C VAL B 121 23.39 9.45 17.46
N VAL B 122 23.06 8.58 18.41
CA VAL B 122 23.02 8.98 19.81
C VAL B 122 24.44 9.03 20.36
N LEU B 123 24.73 10.08 21.10
CA LEU B 123 26.04 10.26 21.70
C LEU B 123 26.19 9.32 22.88
N ASP B 124 27.39 8.78 23.07
CA ASP B 124 27.64 7.90 24.20
C ASP B 124 27.47 8.75 25.46
N SER B 125 26.85 8.16 26.47
CA SER B 125 26.63 8.85 27.74
C SER B 125 27.89 9.63 28.11
N ALA B 126 29.04 9.03 27.83
CA ALA B 126 30.32 9.63 28.13
C ALA B 126 30.64 10.91 27.36
N GLU B 127 30.09 11.09 26.16
CA GLU B 127 30.40 12.31 25.41
C GLU B 127 29.27 13.28 25.10
N ARG B 128 28.25 13.30 25.95
CA ARG B 128 27.17 14.22 25.76
C ARG B 128 27.66 15.57 26.25
N THR B 129 27.10 16.65 25.75
CA THR B 129 27.55 17.99 26.16
C THR B 129 26.47 18.86 26.83
N ALA B 130 26.90 19.87 27.57
CA ALA B 130 25.98 20.79 28.25
C ALA B 130 24.97 20.07 29.10
N GLY B 131 23.74 20.56 29.07
CA GLY B 131 22.73 19.92 29.88
C GLY B 131 22.48 18.48 29.47
N GLY B 132 22.78 18.17 28.23
CA GLY B 132 22.53 16.82 27.79
C GLY B 132 23.20 15.75 28.66
N LYS B 133 24.19 16.13 29.45
CA LYS B 133 24.89 15.17 30.30
C LYS B 133 23.91 14.57 31.29
N ASP B 134 22.79 15.25 31.51
CA ASP B 134 21.78 14.75 32.43
C ASP B 134 20.50 14.36 31.72
N LEU B 135 20.56 14.32 30.40
CA LEU B 135 19.39 13.97 29.60
C LEU B 135 19.46 12.52 29.15
N ARG B 136 18.32 11.93 28.85
CA ARG B 136 18.28 10.55 28.41
C ARG B 136 17.53 10.46 27.09
N PRO B 137 18.25 10.60 25.96
CA PRO B 137 17.59 10.53 24.65
C PRO B 137 16.70 9.30 24.56
N ALA B 138 15.49 9.48 24.03
CA ALA B 138 14.54 8.40 23.92
C ALA B 138 13.46 8.59 22.87
N LEU B 139 12.82 7.49 22.49
CA LEU B 139 11.73 7.54 21.54
C LEU B 139 10.53 7.11 22.37
N LYS B 140 9.64 8.05 22.62
CA LYS B 140 8.43 7.81 23.41
C LYS B 140 7.31 7.52 22.42
N ILE B 141 6.49 6.52 22.70
CA ILE B 141 5.38 6.17 21.82
C ILE B 141 4.11 6.80 22.36
N VAL B 142 3.47 7.64 21.55
CA VAL B 142 2.23 8.30 21.96
C VAL B 142 1.11 7.99 20.96
N ASP B 143 -0.13 8.26 21.33
CA ASP B 143 -1.24 8.03 20.43
C ASP B 143 -1.54 9.31 19.64
N ALA B 144 -2.62 9.30 18.87
CA ALA B 144 -3.00 10.43 18.04
C ALA B 144 -3.17 11.73 18.83
N GLN B 145 -3.39 11.62 20.13
CA GLN B 145 -3.57 12.81 20.96
C GLN B 145 -2.35 13.18 21.77
N GLY B 146 -1.25 12.46 21.60
CA GLY B 146 -0.04 12.79 22.33
C GLY B 146 0.06 12.16 23.69
N ASN B 147 -0.93 11.33 24.04
CA ASN B 147 -0.91 10.62 25.32
C ASN B 147 -0.02 9.38 25.24
N ASP B 148 0.49 8.98 26.41
CA ASP B 148 1.36 7.83 26.54
C ASP B 148 0.69 6.51 26.18
N VAL B 149 1.41 5.68 25.44
CA VAL B 149 0.91 4.34 25.12
C VAL B 149 1.65 3.49 26.13
N LEU B 150 0.96 2.55 26.76
CA LEU B 150 1.59 1.71 27.78
C LEU B 150 2.17 0.39 27.28
N ILE B 151 3.22 -0.07 27.94
CA ILE B 151 3.80 -1.36 27.61
C ILE B 151 2.70 -2.32 28.07
N PRO B 152 2.30 -3.29 27.23
CA PRO B 152 1.26 -4.26 27.57
C PRO B 152 1.45 -4.96 28.91
N GLY B 153 0.36 -5.03 29.69
CA GLY B 153 0.39 -5.67 30.99
C GLY B 153 1.09 -4.88 32.09
N THR B 154 1.49 -3.66 31.80
CA THR B 154 2.17 -2.84 32.78
C THR B 154 1.53 -1.47 32.81
N ASP B 155 1.98 -0.64 33.73
CA ASP B 155 1.47 0.72 33.83
C ASP B 155 2.61 1.64 33.42
N MET B 156 3.61 1.05 32.77
CA MET B 156 4.77 1.79 32.30
C MET B 156 4.60 2.27 30.87
N PRO B 157 4.92 3.55 30.61
CA PRO B 157 4.79 4.11 29.27
C PRO B 157 5.79 3.47 28.34
N ALA B 158 5.39 3.27 27.10
CA ALA B 158 6.30 2.70 26.13
C ALA B 158 7.27 3.82 25.78
N GLN B 159 8.43 3.81 26.40
CA GLN B 159 9.42 4.82 26.11
C GLN B 159 10.73 4.09 25.86
N TYR B 160 11.24 4.18 24.65
CA TYR B 160 12.47 3.47 24.34
C TYR B 160 13.71 4.32 24.39
N PHE B 161 14.38 4.25 25.53
CA PHE B 161 15.63 4.98 25.72
C PHE B 161 16.59 4.42 24.69
N LEU B 162 17.45 5.28 24.14
CA LEU B 162 18.39 4.81 23.13
C LEU B 162 19.80 4.72 23.68
N PRO B 163 20.49 3.58 23.46
CA PRO B 163 21.86 3.46 23.96
C PRO B 163 22.82 4.28 23.12
N GLY B 164 24.02 4.52 23.63
CA GLY B 164 24.99 5.30 22.89
C GLY B 164 25.28 4.61 21.57
N LYS B 165 25.53 5.41 20.53
CA LYS B 165 25.85 4.91 19.20
C LYS B 165 24.68 4.36 18.38
N ALA B 166 23.51 4.27 19.01
CA ALA B 166 22.33 3.78 18.30
C ALA B 166 22.02 4.71 17.13
N ILE B 167 21.61 4.13 16.01
CA ILE B 167 21.30 4.88 14.80
C ILE B 167 19.79 4.95 14.57
N VAL B 168 19.30 6.16 14.36
CA VAL B 168 17.88 6.38 14.10
C VAL B 168 17.73 6.98 12.70
N GLN B 169 16.96 6.33 11.84
CA GLN B 169 16.76 6.83 10.49
C GLN B 169 15.31 7.21 10.19
N LEU B 170 14.44 7.09 11.19
CA LEU B 170 13.04 7.45 11.01
C LEU B 170 12.79 8.90 11.44
N GLU B 171 11.67 9.46 11.01
CA GLU B 171 11.32 10.85 11.32
C GLU B 171 10.53 10.98 12.60
N ASP B 172 10.79 12.06 13.33
CA ASP B 172 10.07 12.32 14.57
C ASP B 172 8.58 12.43 14.19
N GLY B 173 7.71 11.85 15.01
CA GLY B 173 6.28 11.91 14.73
C GLY B 173 5.72 10.85 13.78
N VAL B 174 6.57 10.07 13.12
CA VAL B 174 6.07 9.06 12.20
C VAL B 174 5.15 8.08 12.93
N GLN B 175 4.13 7.61 12.25
CA GLN B 175 3.19 6.63 12.80
C GLN B 175 3.90 5.28 12.75
N ILE B 176 3.73 4.45 13.78
CA ILE B 176 4.37 3.14 13.80
C ILE B 176 3.44 2.02 14.29
N SER B 177 3.87 0.80 14.01
CA SER B 177 3.13 -0.37 14.43
C SER B 177 4.05 -1.28 15.26
N SER B 178 3.48 -2.03 16.20
CA SER B 178 4.30 -2.93 17.00
C SER B 178 5.12 -3.75 16.02
N GLY B 179 6.37 -4.02 16.36
CA GLY B 179 7.20 -4.80 15.46
C GLY B 179 8.07 -3.97 14.55
N ASP B 180 7.87 -2.66 14.50
CA ASP B 180 8.69 -1.82 13.63
C ASP B 180 10.01 -1.52 14.31
N THR B 181 11.07 -1.38 13.52
CA THR B 181 12.37 -1.07 14.06
C THR B 181 12.46 0.45 14.32
N LEU B 182 12.80 0.80 15.55
CA LEU B 182 12.92 2.19 15.94
C LEU B 182 14.34 2.67 15.78
N ALA B 183 15.29 1.77 16.00
CA ALA B 183 16.70 2.13 15.91
C ALA B 183 17.58 0.89 15.74
N ARG B 184 18.83 1.12 15.36
CA ARG B 184 19.77 0.03 15.16
C ARG B 184 21.05 0.29 15.95
N ILE B 185 21.50 -0.76 16.65
CA ILE B 185 22.69 -0.65 17.46
C ILE B 185 23.87 -1.32 16.76
N PRO B 186 24.92 -0.55 16.49
CA PRO B 186 26.16 -0.98 15.82
C PRO B 186 26.95 -1.95 16.68
N GLN B 187 27.93 -2.59 16.06
CA GLN B 187 28.75 -3.55 16.79
C GLN B 187 30.08 -2.99 17.28
N GLU B 188 30.60 -3.61 18.33
CA GLU B 188 31.86 -3.20 18.94
C GLU B 188 33.04 -3.75 18.14
N ALA C 7 4.09 -9.93 45.78
CA ALA C 7 3.15 -8.97 46.42
C ALA C 7 3.11 -7.65 45.65
N GLU C 8 4.26 -7.28 45.08
CA GLU C 8 4.38 -6.04 44.31
C GLU C 8 5.69 -6.07 43.51
N SER C 9 5.56 -6.05 42.18
CA SER C 9 6.72 -6.09 41.29
C SER C 9 7.01 -4.73 40.68
N SER C 10 6.32 -3.71 41.19
CA SER C 10 6.51 -2.37 40.67
C SER C 10 6.48 -1.32 41.78
N ILE C 11 6.99 -0.15 41.48
CA ILE C 11 7.00 0.96 42.42
C ILE C 11 6.10 2.07 41.90
N GLN C 12 4.96 2.28 42.55
CA GLN C 12 4.04 3.33 42.14
C GLN C 12 4.01 4.42 43.21
N VAL C 13 4.62 5.55 42.90
CA VAL C 13 4.67 6.68 43.83
C VAL C 13 3.26 7.13 44.20
N LYS C 14 3.06 7.47 45.48
CA LYS C 14 1.75 7.90 45.94
C LYS C 14 1.53 9.41 45.87
N ASN C 15 2.60 10.18 46.05
CA ASN C 15 2.50 11.64 46.04
C ASN C 15 3.33 12.30 44.93
N LYS C 16 3.06 13.57 44.68
CA LYS C 16 3.80 14.32 43.67
C LYS C 16 5.14 14.69 44.28
N GLY C 17 6.14 14.93 43.43
CA GLY C 17 7.47 15.28 43.91
C GLY C 17 8.51 14.90 42.86
N SER C 18 9.75 14.71 43.29
CA SER C 18 10.79 14.31 42.35
C SER C 18 11.53 13.05 42.82
N ILE C 19 11.95 12.26 41.85
CA ILE C 19 12.65 11.00 42.08
C ILE C 19 14.10 11.18 42.52
N LYS C 20 14.51 10.40 43.51
CA LYS C 20 15.89 10.44 43.97
C LYS C 20 16.41 9.01 44.08
N LEU C 21 17.53 8.73 43.42
CA LEU C 21 18.10 7.39 43.43
C LEU C 21 19.47 7.35 44.08
N SER C 22 19.57 6.55 45.14
CA SER C 22 20.82 6.42 45.89
C SER C 22 21.58 5.14 45.53
N ASN C 23 22.90 5.23 45.48
CA ASN C 23 23.75 4.08 45.14
C ASN C 23 23.15 3.37 43.93
N VAL C 24 23.12 4.08 42.81
CA VAL C 24 22.55 3.50 41.61
C VAL C 24 23.52 3.43 40.44
N LYS C 25 23.39 2.36 39.68
CA LYS C 25 24.17 2.12 38.48
C LYS C 25 23.09 1.74 37.49
N SER C 26 23.02 2.46 36.38
CA SER C 26 22.00 2.14 35.39
C SER C 26 22.57 2.20 33.98
N VAL C 27 21.87 1.56 33.06
CA VAL C 27 22.31 1.55 31.68
C VAL C 27 21.15 1.19 30.77
N VAL C 28 21.16 1.74 29.56
CA VAL C 28 20.11 1.52 28.57
C VAL C 28 20.45 0.26 27.77
N ASN C 29 19.51 -0.69 27.69
CA ASN C 29 19.80 -1.91 26.95
C ASN C 29 19.27 -1.93 25.51
N SER C 30 19.54 -3.01 24.79
CA SER C 30 19.10 -3.15 23.40
C SER C 30 17.58 -3.17 23.22
N SER C 31 16.82 -3.32 24.30
CA SER C 31 15.36 -3.29 24.15
C SER C 31 14.85 -1.89 24.49
N GLY C 32 15.76 -0.94 24.64
CA GLY C 32 15.38 0.43 24.96
C GLY C 32 14.89 0.70 26.37
N LYS C 33 15.37 -0.08 27.34
CA LYS C 33 14.96 0.10 28.73
C LYS C 33 16.12 0.60 29.58
N LEU C 34 15.79 1.39 30.60
CA LEU C 34 16.79 1.89 31.51
C LEU C 34 16.82 0.83 32.59
N VAL C 35 17.92 0.10 32.66
CA VAL C 35 18.05 -1.00 33.59
C VAL C 35 19.02 -0.69 34.72
N ILE C 36 18.63 -0.98 35.95
CA ILE C 36 19.56 -0.72 37.04
C ILE C 36 20.45 -1.96 37.26
N THR C 37 21.74 -1.73 37.34
CA THR C 37 22.68 -2.80 37.53
C THR C 37 23.35 -2.76 38.90
N SER C 38 22.83 -1.90 39.78
CA SER C 38 23.36 -1.81 41.14
C SER C 38 22.54 -2.76 42.00
N ARG C 39 23.02 -3.06 43.20
CA ARG C 39 22.30 -4.00 44.06
C ARG C 39 21.64 -3.47 45.32
N ASN C 40 22.07 -2.29 45.79
CA ASN C 40 21.49 -1.72 47.00
C ASN C 40 20.70 -0.44 46.71
N THR C 41 20.33 -0.24 45.46
CA THR C 41 19.62 0.98 45.07
C THR C 41 18.35 1.31 45.85
N GLU C 42 18.23 2.57 46.23
CA GLU C 42 17.06 3.06 46.95
C GLU C 42 16.41 4.14 46.12
N LEU C 43 15.10 4.04 45.94
CA LEU C 43 14.37 5.06 45.19
C LEU C 43 13.51 5.87 46.17
N LYS C 44 13.80 7.16 46.25
CA LYS C 44 13.08 8.05 47.15
C LYS C 44 12.23 9.11 46.46
N LEU C 45 11.16 9.52 47.13
CA LEU C 45 10.28 10.57 46.61
C LEU C 45 10.57 11.82 47.43
N ILE C 46 11.15 12.82 46.78
CA ILE C 46 11.50 14.06 47.44
C ILE C 46 10.40 15.10 47.18
N ASP C 47 9.95 15.78 48.24
CA ASP C 47 8.92 16.80 48.07
C ASP C 47 9.53 18.18 47.90
N GLU C 48 8.67 19.18 47.71
CA GLU C 48 9.10 20.56 47.53
C GLU C 48 10.19 20.96 48.51
N PHE C 49 10.03 20.52 49.76
CA PHE C 49 10.97 20.83 50.82
C PHE C 49 12.20 19.96 50.79
N GLY C 50 12.24 19.05 49.83
CA GLY C 50 13.39 18.18 49.71
C GLY C 50 13.45 17.11 50.77
N ARG C 51 12.29 16.84 51.37
CA ARG C 51 12.18 15.82 52.41
C ARG C 51 11.72 14.51 51.78
N THR C 52 12.33 13.41 52.21
CA THR C 52 11.98 12.09 51.71
C THR C 52 10.56 11.74 52.15
N LYS C 53 9.62 11.73 51.21
CA LYS C 53 8.23 11.41 51.50
C LYS C 53 8.01 9.90 51.44
N GLU C 54 8.61 9.28 50.43
CA GLU C 54 8.48 7.85 50.21
C GLU C 54 9.85 7.25 49.97
N SER C 55 10.00 5.98 50.32
CA SER C 55 11.26 5.29 50.12
C SER C 55 11.04 3.84 49.71
N TYR C 56 11.62 3.47 48.57
CA TYR C 56 11.47 2.12 48.05
C TYR C 56 12.82 1.50 47.73
N LYS C 57 12.85 0.18 47.77
CA LYS C 57 14.03 -0.59 47.45
C LYS C 57 13.84 -1.00 45.99
N VAL C 58 14.85 -0.82 45.16
CA VAL C 58 14.73 -1.18 43.75
C VAL C 58 15.69 -2.33 43.45
N PRO C 59 15.14 -3.49 43.07
CA PRO C 59 15.93 -4.69 42.76
C PRO C 59 16.82 -4.59 41.52
N TYR C 60 17.93 -5.32 41.57
CA TYR C 60 18.88 -5.40 40.48
C TYR C 60 18.05 -5.89 39.28
N GLY C 61 18.21 -5.25 38.13
CA GLY C 61 17.46 -5.67 36.95
C GLY C 61 16.17 -4.94 36.68
N ALA C 62 15.71 -4.16 37.66
CA ALA C 62 14.47 -3.43 37.47
C ALA C 62 14.57 -2.40 36.34
N VAL C 63 13.44 -2.16 35.69
CA VAL C 63 13.36 -1.19 34.61
C VAL C 63 12.83 0.16 35.17
N LEU C 64 13.47 1.27 34.81
CA LEU C 64 13.06 2.60 35.30
C LEU C 64 12.28 3.42 34.26
N ALA C 65 11.16 4.01 34.68
CA ALA C 65 10.39 4.84 33.75
C ALA C 65 11.01 6.23 33.78
N LYS C 66 11.56 6.58 34.94
CA LYS C 66 12.18 7.88 35.10
C LYS C 66 13.51 7.82 35.83
N GLY C 67 14.41 8.73 35.49
CA GLY C 67 15.72 8.75 36.11
C GLY C 67 15.79 9.61 37.35
N ASP C 68 16.96 9.59 37.98
CA ASP C 68 17.20 10.38 39.18
C ASP C 68 16.93 11.86 38.92
N GLY C 69 16.36 12.54 39.91
CA GLY C 69 16.08 13.95 39.78
C GLY C 69 14.91 14.36 38.90
N GLU C 70 14.16 13.40 38.36
CA GLU C 70 13.02 13.75 37.51
C GLU C 70 11.75 13.91 38.33
N GLN C 71 10.92 14.87 37.93
CA GLN C 71 9.66 15.13 38.63
C GLN C 71 8.62 14.09 38.24
N VAL C 72 7.83 13.68 39.22
CA VAL C 72 6.80 12.68 38.98
C VAL C 72 5.52 13.14 39.66
N ALA C 73 4.40 12.56 39.24
CA ALA C 73 3.10 12.89 39.81
C ALA C 73 2.60 11.68 40.60
N GLY C 74 1.83 11.95 41.65
CA GLY C 74 1.31 10.86 42.46
C GLY C 74 0.62 9.80 41.61
N GLY C 75 0.71 8.54 42.03
CA GLY C 75 0.07 7.47 41.30
C GLY C 75 0.80 7.05 40.03
N GLU C 76 1.96 7.66 39.79
CA GLU C 76 2.76 7.36 38.62
C GLU C 76 3.66 6.13 38.87
N THR C 77 3.67 5.20 37.91
CA THR C 77 4.51 4.01 38.03
C THR C 77 5.90 4.37 37.52
N VAL C 78 6.90 4.27 38.39
CA VAL C 78 8.26 4.64 38.02
C VAL C 78 9.26 3.50 37.80
N ALA C 79 8.92 2.29 38.24
CA ALA C 79 9.81 1.15 38.08
C ALA C 79 9.05 -0.14 38.03
N ASN C 80 9.63 -1.13 37.37
CA ASN C 80 9.00 -2.43 37.24
C ASN C 80 10.09 -3.52 37.13
N TRP C 81 9.74 -4.74 37.51
CA TRP C 81 10.67 -5.86 37.44
C TRP C 81 9.94 -7.17 37.62
N ASP C 82 10.61 -8.27 37.30
CA ASP C 82 10.02 -9.59 37.44
C ASP C 82 10.20 -10.04 38.89
N PRO C 83 9.10 -10.39 39.56
CA PRO C 83 9.17 -10.82 40.96
C PRO C 83 9.65 -12.28 41.13
N HIS C 84 9.45 -13.10 40.11
CA HIS C 84 9.83 -14.50 40.19
C HIS C 84 11.30 -14.85 39.97
N THR C 85 12.00 -14.07 39.16
CA THR C 85 13.40 -14.38 38.89
C THR C 85 14.36 -13.24 39.11
N MET C 86 15.62 -13.59 39.31
CA MET C 86 16.66 -12.58 39.46
C MET C 86 17.44 -12.71 38.17
N PRO C 87 17.64 -11.60 37.45
CA PRO C 87 18.41 -11.79 36.23
C PRO C 87 19.91 -11.65 36.44
N VAL C 88 20.66 -12.00 35.40
CA VAL C 88 22.11 -11.87 35.36
C VAL C 88 22.28 -11.00 34.12
N ILE C 89 22.76 -9.80 34.33
CA ILE C 89 22.88 -8.82 33.27
C ILE C 89 24.31 -8.47 32.92
N THR C 90 24.61 -8.31 31.63
CA THR C 90 25.96 -7.95 31.25
C THR C 90 26.13 -6.45 31.42
N GLU C 91 27.31 -6.04 31.84
CA GLU C 91 27.56 -4.63 32.06
C GLU C 91 28.22 -3.99 30.85
N VAL C 92 28.58 -4.83 29.89
CA VAL C 92 29.23 -4.35 28.67
C VAL C 92 28.57 -4.93 27.42
N SER C 93 28.87 -4.30 26.29
CA SER C 93 28.34 -4.71 25.00
C SER C 93 29.40 -5.55 24.30
N GLY C 94 28.98 -6.32 23.29
CA GLY C 94 29.92 -7.13 22.54
C GLY C 94 29.19 -8.33 21.99
N PHE C 95 29.79 -9.51 22.14
CA PHE C 95 29.16 -10.74 21.67
C PHE C 95 29.23 -11.78 22.77
N VAL C 96 28.17 -12.57 22.87
CA VAL C 96 28.07 -13.61 23.87
C VAL C 96 28.86 -14.86 23.47
N ARG C 97 29.67 -15.37 24.38
CA ARG C 97 30.43 -16.59 24.08
C ARG C 97 30.26 -17.62 25.19
N PHE C 98 29.58 -18.71 24.86
CA PHE C 98 29.34 -19.81 25.79
C PHE C 98 30.66 -20.44 26.24
N THR C 99 30.78 -20.74 27.53
CA THR C 99 31.98 -21.39 28.03
C THR C 99 31.58 -22.45 29.04
N ASP C 100 32.06 -23.67 28.81
CA ASP C 100 31.77 -24.79 29.67
C ASP C 100 30.28 -25.08 29.75
N MET C 101 29.57 -24.74 28.69
CA MET C 101 28.14 -25.01 28.63
C MET C 101 27.91 -26.19 27.71
N ILE C 102 28.12 -27.38 28.26
CA ILE C 102 28.00 -28.63 27.53
C ILE C 102 26.73 -29.39 27.84
N ASP C 103 25.98 -29.70 26.79
CA ASP C 103 24.75 -30.44 26.96
C ASP C 103 25.06 -31.83 27.54
N GLY C 104 24.31 -32.24 28.55
CA GLY C 104 24.55 -33.53 29.15
C GLY C 104 25.53 -33.45 30.30
N GLN C 105 26.32 -32.38 30.34
CA GLN C 105 27.27 -32.20 31.43
C GLN C 105 26.92 -31.06 32.37
N THR C 106 26.89 -29.83 31.87
CA THR C 106 26.57 -28.70 32.73
C THR C 106 25.21 -28.09 32.45
N ILE C 107 24.62 -28.43 31.31
CA ILE C 107 23.31 -27.90 30.96
C ILE C 107 22.43 -28.96 30.29
N THR C 108 21.16 -28.61 30.11
CA THR C 108 20.19 -29.49 29.49
C THR C 108 19.07 -28.63 28.93
N ARG C 109 18.41 -29.10 27.87
CA ARG C 109 17.33 -28.35 27.28
C ARG C 109 15.98 -28.80 27.85
N GLN C 110 15.32 -27.90 28.59
CA GLN C 110 14.01 -28.18 29.18
C GLN C 110 12.93 -27.52 28.33
N THR C 111 11.78 -28.17 28.20
CA THR C 111 10.70 -27.63 27.39
C THR C 111 9.43 -27.37 28.20
N ASP C 112 8.76 -26.27 27.88
CA ASP C 112 7.52 -25.90 28.56
C ASP C 112 6.39 -26.60 27.80
N GLU C 113 5.93 -27.73 28.33
CA GLU C 113 4.87 -28.52 27.70
C GLU C 113 3.62 -27.72 27.36
N LEU C 114 3.49 -26.53 27.93
CA LEU C 114 2.31 -25.69 27.69
C LEU C 114 2.48 -24.65 26.58
N THR C 115 3.63 -23.99 26.53
CA THR C 115 3.87 -22.98 25.50
C THR C 115 4.77 -23.50 24.39
N GLY C 116 5.32 -24.69 24.59
CA GLY C 116 6.22 -25.26 23.59
C GLY C 116 7.60 -24.63 23.66
N LEU C 117 7.70 -23.52 24.37
CA LEU C 117 8.99 -22.84 24.48
C LEU C 117 9.96 -23.63 25.35
N SER C 118 11.18 -23.86 24.84
CA SER C 118 12.21 -24.57 25.60
C SER C 118 13.42 -23.67 25.83
N SER C 119 14.24 -24.03 26.81
CA SER C 119 15.42 -23.25 27.15
C SER C 119 16.53 -24.12 27.69
N LEU C 120 17.74 -23.57 27.71
CA LEU C 120 18.88 -24.28 28.25
C LEU C 120 18.86 -24.01 29.75
N VAL C 121 18.92 -25.07 30.54
CA VAL C 121 18.92 -24.94 31.99
C VAL C 121 20.26 -25.44 32.51
N VAL C 122 20.82 -24.70 33.46
CA VAL C 122 22.11 -25.05 34.04
C VAL C 122 21.87 -26.11 35.11
N LEU C 123 22.58 -27.21 35.02
CA LEU C 123 22.46 -28.31 35.98
C LEU C 123 23.09 -27.99 37.33
N ASP C 124 22.37 -28.26 38.42
CA ASP C 124 22.89 -28.07 39.76
C ASP C 124 24.10 -29.01 39.85
N SER C 125 25.20 -28.49 40.36
CA SER C 125 26.42 -29.26 40.47
C SER C 125 26.25 -30.67 41.07
N ALA C 126 25.31 -30.83 41.99
CA ALA C 126 25.08 -32.13 42.60
C ALA C 126 24.40 -33.07 41.60
N GLU C 127 23.64 -32.50 40.68
CA GLU C 127 22.94 -33.29 39.67
C GLU C 127 23.88 -33.68 38.54
N ARG C 128 25.08 -33.10 38.53
CA ARG C 128 26.03 -33.36 37.46
C ARG C 128 26.82 -34.66 37.53
N THR C 129 27.39 -35.00 36.38
CA THR C 129 28.23 -36.17 36.24
C THR C 129 29.54 -35.74 36.89
N ALA C 130 30.41 -36.68 37.23
CA ALA C 130 31.68 -36.30 37.83
C ALA C 130 32.41 -35.33 36.90
N GLY C 131 32.16 -35.47 35.61
CA GLY C 131 32.80 -34.61 34.63
C GLY C 131 32.34 -33.17 34.73
N GLY C 132 31.04 -32.98 34.86
CA GLY C 132 30.50 -31.63 34.97
C GLY C 132 30.82 -30.92 36.27
N LYS C 133 30.89 -31.66 37.36
CA LYS C 133 31.19 -31.08 38.66
C LYS C 133 32.39 -30.15 38.60
N ASP C 134 33.33 -30.47 37.72
CA ASP C 134 34.55 -29.70 37.55
C ASP C 134 34.46 -28.53 36.57
N LEU C 135 33.34 -28.40 35.87
CA LEU C 135 33.22 -27.31 34.91
C LEU C 135 32.47 -26.14 35.52
N ARG C 136 32.70 -24.95 34.97
CA ARG C 136 32.04 -23.75 35.45
C ARG C 136 31.32 -23.06 34.27
N PRO C 137 30.07 -23.47 33.99
CA PRO C 137 29.36 -22.84 32.86
C PRO C 137 29.26 -21.31 33.02
N ALA C 138 29.48 -20.61 31.92
CA ALA C 138 29.45 -19.15 31.95
C ALA C 138 29.28 -18.55 30.56
N LEU C 139 28.98 -17.26 30.54
CA LEU C 139 28.82 -16.51 29.30
C LEU C 139 29.84 -15.39 29.30
N LYS C 140 30.80 -15.45 28.38
CA LYS C 140 31.83 -14.43 28.27
C LYS C 140 31.36 -13.41 27.26
N ILE C 141 31.77 -12.18 27.45
CA ILE C 141 31.44 -11.13 26.50
C ILE C 141 32.74 -10.81 25.75
N VAL C 142 32.76 -11.06 24.45
CA VAL C 142 33.94 -10.76 23.64
C VAL C 142 33.64 -9.70 22.60
N ASP C 143 34.67 -9.07 22.05
CA ASP C 143 34.45 -8.07 21.02
C ASP C 143 34.42 -8.74 19.66
N ALA C 144 34.20 -7.95 18.62
CA ALA C 144 34.11 -8.45 17.25
C ALA C 144 35.28 -9.34 16.86
N GLN C 145 36.45 -9.10 17.44
CA GLN C 145 37.63 -9.88 17.10
C GLN C 145 37.83 -11.07 18.02
N GLY C 146 36.86 -11.31 18.89
CA GLY C 146 36.95 -12.45 19.79
C GLY C 146 37.77 -12.24 21.03
N ASN C 147 38.12 -10.99 21.34
CA ASN C 147 38.91 -10.73 22.55
C ASN C 147 38.02 -10.40 23.73
N ASP C 148 38.42 -10.90 24.90
CA ASP C 148 37.69 -10.66 26.13
C ASP C 148 37.45 -9.18 26.37
N VAL C 149 36.20 -8.81 26.59
CA VAL C 149 35.83 -7.42 26.88
C VAL C 149 35.91 -7.23 28.39
N LEU C 150 36.64 -6.21 28.83
CA LEU C 150 36.80 -5.96 30.26
C LEU C 150 35.74 -5.01 30.81
N ILE C 151 35.39 -5.22 32.08
CA ILE C 151 34.42 -4.38 32.75
C ILE C 151 35.12 -3.08 33.12
N PRO C 152 34.56 -1.93 32.69
CA PRO C 152 35.15 -0.61 32.95
C PRO C 152 35.56 -0.36 34.39
N GLY C 153 36.79 0.09 34.58
CA GLY C 153 37.29 0.39 35.91
C GLY C 153 37.93 -0.79 36.61
N THR C 154 37.24 -1.92 36.63
CA THR C 154 37.75 -3.12 37.29
C THR C 154 38.77 -3.86 36.44
N ASP C 155 38.69 -3.66 35.12
CA ASP C 155 39.59 -4.33 34.19
C ASP C 155 39.46 -5.83 34.37
N MET C 156 38.31 -6.25 34.87
CA MET C 156 38.05 -7.67 35.08
C MET C 156 37.34 -8.14 33.81
N PRO C 157 37.65 -9.35 33.34
CA PRO C 157 37.03 -9.88 32.12
C PRO C 157 35.53 -10.09 32.35
N ALA C 158 34.73 -9.59 31.41
CA ALA C 158 33.28 -9.72 31.52
C ALA C 158 32.89 -11.18 31.30
N GLN C 159 32.75 -11.91 32.40
CA GLN C 159 32.37 -13.31 32.31
C GLN C 159 31.39 -13.59 33.42
N TYR C 160 30.15 -13.85 33.03
CA TYR C 160 29.11 -14.12 34.00
C TYR C 160 28.88 -15.60 34.15
N PHE C 161 29.22 -16.08 35.33
CA PHE C 161 29.09 -17.49 35.67
C PHE C 161 27.63 -17.75 35.98
N LEU C 162 27.13 -18.90 35.56
CA LEU C 162 25.73 -19.25 35.78
C LEU C 162 25.54 -20.30 36.86
N PRO C 163 24.76 -19.97 37.91
CA PRO C 163 24.51 -20.94 38.99
C PRO C 163 23.54 -22.02 38.52
N GLY C 164 23.40 -23.10 39.29
CA GLY C 164 22.50 -24.16 38.92
C GLY C 164 21.06 -23.67 38.87
N LYS C 165 20.27 -24.20 37.94
CA LYS C 165 18.87 -23.83 37.78
C LYS C 165 18.65 -22.58 36.93
N ALA C 166 19.72 -21.84 36.66
CA ALA C 166 19.61 -20.64 35.83
C ALA C 166 19.20 -21.05 34.43
N ILE C 167 18.41 -20.21 33.79
CA ILE C 167 17.93 -20.44 32.43
C ILE C 167 18.55 -19.45 31.47
N VAL C 168 18.95 -19.95 30.30
CA VAL C 168 19.54 -19.12 29.26
C VAL C 168 18.62 -19.16 28.03
N GLN C 169 18.32 -17.99 27.49
CA GLN C 169 17.48 -17.90 26.29
C GLN C 169 18.17 -17.18 25.14
N LEU C 170 19.43 -16.83 25.32
CA LEU C 170 20.22 -16.20 24.27
C LEU C 170 20.96 -17.34 23.54
N GLU C 171 21.31 -17.09 22.29
CA GLU C 171 22.03 -18.07 21.48
C GLU C 171 23.53 -17.72 21.54
N ASP C 172 24.36 -18.75 21.49
CA ASP C 172 25.80 -18.54 21.55
C ASP C 172 26.25 -17.63 20.42
N GLY C 173 27.15 -16.68 20.71
CA GLY C 173 27.65 -15.79 19.67
C GLY C 173 26.85 -14.53 19.36
N VAL C 174 25.59 -14.49 19.78
CA VAL C 174 24.74 -13.35 19.50
C VAL C 174 25.30 -12.00 19.97
N GLN C 175 25.09 -10.94 19.17
CA GLN C 175 25.53 -9.60 19.53
C GLN C 175 24.73 -9.18 20.77
N ILE C 176 25.35 -8.43 21.67
CA ILE C 176 24.63 -8.05 22.87
C ILE C 176 25.04 -6.64 23.31
N SER C 177 24.16 -6.00 24.07
CA SER C 177 24.42 -4.65 24.55
C SER C 177 24.39 -4.55 26.09
N SER C 178 25.17 -3.63 26.66
CA SER C 178 25.18 -3.46 28.11
C SER C 178 23.75 -3.27 28.62
N GLY C 179 23.44 -3.92 29.73
CA GLY C 179 22.11 -3.83 30.29
C GLY C 179 21.22 -4.98 29.86
N ASP C 180 21.65 -5.79 28.89
CA ASP C 180 20.82 -6.91 28.42
C ASP C 180 20.88 -8.10 29.36
N THR C 181 19.74 -8.79 29.50
CA THR C 181 19.70 -9.97 30.36
C THR C 181 20.36 -11.14 29.66
N LEU C 182 21.17 -11.89 30.40
CA LEU C 182 21.86 -13.05 29.83
C LEU C 182 21.19 -14.34 30.28
N ALA C 183 20.72 -14.34 31.52
CA ALA C 183 20.08 -15.52 32.08
C ALA C 183 19.18 -15.12 33.24
N ARG C 184 18.38 -16.07 33.71
CA ARG C 184 17.45 -15.82 34.81
C ARG C 184 17.55 -16.92 35.86
N ILE C 185 17.51 -16.50 37.12
CA ILE C 185 17.58 -17.40 38.25
C ILE C 185 16.27 -17.37 38.97
N PRO C 186 15.74 -18.55 39.31
CA PRO C 186 14.47 -18.62 40.01
C PRO C 186 14.50 -18.36 41.49
N GLN C 187 13.39 -17.87 42.00
CA GLN C 187 13.31 -17.62 43.45
C GLN C 187 12.20 -18.47 44.14
N GLU C 188 11.92 -18.14 45.40
CA GLU C 188 10.90 -18.67 46.25
C GLU C 188 10.46 -20.09 46.50
N SER C 189 10.61 -20.54 47.77
CA SER C 189 10.21 -21.87 48.25
C SER C 189 9.91 -21.81 49.74
N ALA D 7 -18.20 -17.18 -21.84
CA ALA D 7 -16.83 -16.63 -21.68
C ALA D 7 -16.45 -16.44 -20.19
N GLU D 8 -15.25 -16.87 -19.82
CA GLU D 8 -14.82 -16.70 -18.43
C GLU D 8 -14.45 -15.25 -18.16
N SER D 9 -15.05 -14.33 -18.92
CA SER D 9 -14.79 -12.91 -18.79
C SER D 9 -16.10 -12.15 -18.99
N SER D 10 -17.20 -12.79 -18.62
CA SER D 10 -18.52 -12.20 -18.72
C SER D 10 -19.45 -12.94 -17.76
N ILE D 11 -20.67 -12.46 -17.62
CA ILE D 11 -21.59 -13.11 -16.71
C ILE D 11 -22.94 -13.38 -17.34
N GLN D 12 -23.26 -14.65 -17.52
CA GLN D 12 -24.55 -15.05 -18.08
C GLN D 12 -25.48 -15.40 -16.94
N VAL D 13 -26.69 -14.85 -16.97
CA VAL D 13 -27.65 -15.13 -15.92
C VAL D 13 -28.22 -16.54 -16.10
N LYS D 14 -28.21 -17.33 -15.03
CA LYS D 14 -28.72 -18.70 -15.10
C LYS D 14 -30.23 -18.83 -14.88
N ASN D 15 -30.81 -17.91 -14.14
CA ASN D 15 -32.25 -17.96 -13.87
C ASN D 15 -32.89 -16.58 -13.96
N LYS D 16 -34.20 -16.54 -13.81
CA LYS D 16 -34.92 -15.28 -13.82
C LYS D 16 -34.81 -14.80 -12.39
N GLY D 17 -34.61 -13.49 -12.21
CA GLY D 17 -34.50 -12.96 -10.87
C GLY D 17 -34.06 -11.52 -10.84
N SER D 18 -33.12 -11.20 -9.95
CA SER D 18 -32.62 -9.84 -9.84
C SER D 18 -31.14 -9.78 -9.52
N ILE D 19 -30.50 -8.70 -9.95
CA ILE D 19 -29.09 -8.47 -9.74
C ILE D 19 -28.84 -7.77 -8.42
N LYS D 20 -27.87 -8.27 -7.66
CA LYS D 20 -27.51 -7.67 -6.39
C LYS D 20 -26.00 -7.48 -6.39
N LEU D 21 -25.58 -6.22 -6.37
CA LEU D 21 -24.17 -5.86 -6.39
C LEU D 21 -23.66 -5.42 -5.02
N SER D 22 -22.52 -5.98 -4.62
CA SER D 22 -21.90 -5.65 -3.34
C SER D 22 -20.60 -4.92 -3.59
N ASN D 23 -20.36 -3.90 -2.78
CA ASN D 23 -19.13 -3.11 -2.86
C ASN D 23 -18.91 -2.51 -4.23
N VAL D 24 -19.98 -2.01 -4.85
CA VAL D 24 -19.84 -1.43 -6.18
C VAL D 24 -19.80 0.07 -6.20
N LYS D 25 -19.04 0.58 -7.15
CA LYS D 25 -18.91 2.00 -7.41
C LYS D 25 -18.89 1.98 -8.94
N SER D 26 -19.59 2.93 -9.55
CA SER D 26 -19.63 2.97 -11.00
C SER D 26 -19.73 4.39 -11.55
N VAL D 27 -19.36 4.52 -12.81
CA VAL D 27 -19.37 5.79 -13.53
C VAL D 27 -19.89 5.52 -14.94
N VAL D 28 -20.75 6.41 -15.42
CA VAL D 28 -21.27 6.27 -16.78
C VAL D 28 -20.24 6.94 -17.69
N ASN D 29 -19.68 6.19 -18.64
CA ASN D 29 -18.68 6.73 -19.53
C ASN D 29 -19.30 7.38 -20.78
N SER D 30 -18.48 7.76 -21.76
CA SER D 30 -18.97 8.43 -22.95
C SER D 30 -19.58 7.51 -24.02
N SER D 31 -19.57 6.20 -23.75
CA SER D 31 -20.14 5.23 -24.68
C SER D 31 -21.45 4.64 -24.18
N GLY D 32 -22.10 5.33 -23.24
CA GLY D 32 -23.36 4.84 -22.70
C GLY D 32 -23.20 3.57 -21.89
N LYS D 33 -21.99 3.35 -21.37
CA LYS D 33 -21.75 2.15 -20.56
C LYS D 33 -21.56 2.45 -19.08
N LEU D 34 -22.04 1.54 -18.24
CA LEU D 34 -21.90 1.68 -16.79
C LEU D 34 -20.63 0.92 -16.46
N VAL D 35 -19.58 1.66 -16.13
CA VAL D 35 -18.27 1.07 -15.82
C VAL D 35 -17.99 0.97 -14.32
N ILE D 36 -17.57 -0.20 -13.89
CA ILE D 36 -17.25 -0.43 -12.47
C ILE D 36 -15.91 0.20 -12.11
N THR D 37 -15.91 1.02 -11.06
CA THR D 37 -14.70 1.72 -10.60
C THR D 37 -14.22 1.31 -9.21
N SER D 38 -14.83 0.29 -8.63
CA SER D 38 -14.41 -0.21 -7.33
C SER D 38 -13.55 -1.44 -7.65
N ARG D 39 -12.80 -1.96 -6.69
CA ARG D 39 -11.92 -3.10 -6.96
C ARG D 39 -12.41 -4.46 -6.47
N ASN D 40 -13.30 -4.46 -5.49
CA ASN D 40 -13.75 -5.70 -4.91
C ASN D 40 -15.26 -5.95 -5.01
N THR D 41 -15.88 -5.41 -6.05
CA THR D 41 -17.31 -5.59 -6.22
C THR D 41 -17.70 -7.04 -6.47
N GLU D 42 -18.84 -7.42 -5.91
CA GLU D 42 -19.33 -8.78 -6.05
C GLU D 42 -20.74 -8.78 -6.66
N LEU D 43 -20.97 -9.68 -7.60
CA LEU D 43 -22.27 -9.76 -8.25
C LEU D 43 -23.01 -11.05 -7.90
N LYS D 44 -24.21 -10.88 -7.35
CA LYS D 44 -25.03 -12.02 -6.96
C LYS D 44 -26.27 -12.11 -7.86
N LEU D 45 -26.55 -13.33 -8.34
CA LEU D 45 -27.72 -13.57 -9.17
C LEU D 45 -28.79 -14.17 -8.28
N ILE D 46 -29.84 -13.39 -8.01
CA ILE D 46 -30.94 -13.85 -7.16
C ILE D 46 -32.09 -14.39 -8.01
N ASP D 47 -32.77 -15.42 -7.50
CA ASP D 47 -33.90 -15.99 -8.23
C ASP D 47 -35.16 -15.27 -7.78
N GLU D 48 -36.30 -15.61 -8.40
CA GLU D 48 -37.53 -14.94 -8.06
C GLU D 48 -37.98 -15.17 -6.62
N PHE D 49 -37.63 -16.32 -6.05
CA PHE D 49 -38.02 -16.63 -4.68
C PHE D 49 -37.12 -15.89 -3.70
N GLY D 50 -36.15 -15.17 -4.23
CA GLY D 50 -35.23 -14.41 -3.39
C GLY D 50 -33.99 -15.12 -2.91
N ARG D 51 -33.72 -16.33 -3.41
CA ARG D 51 -32.53 -17.05 -2.99
C ARG D 51 -31.31 -16.68 -3.84
N THR D 52 -30.15 -16.60 -3.19
CA THR D 52 -28.91 -16.27 -3.88
C THR D 52 -28.38 -17.52 -4.57
N LYS D 53 -28.56 -17.58 -5.89
CA LYS D 53 -28.12 -18.74 -6.67
C LYS D 53 -26.72 -18.63 -7.25
N GLU D 54 -26.26 -17.40 -7.51
CA GLU D 54 -24.93 -17.18 -8.08
C GLU D 54 -24.14 -16.06 -7.41
N SER D 55 -22.82 -16.15 -7.48
CA SER D 55 -21.93 -15.15 -6.90
C SER D 55 -20.64 -15.04 -7.71
N TYR D 56 -20.37 -13.85 -8.22
CA TYR D 56 -19.16 -13.62 -9.03
C TYR D 56 -18.33 -12.44 -8.55
N LYS D 57 -17.02 -12.52 -8.79
CA LYS D 57 -16.10 -11.45 -8.45
C LYS D 57 -15.97 -10.64 -9.73
N VAL D 58 -16.37 -9.38 -9.70
CA VAL D 58 -16.31 -8.52 -10.88
C VAL D 58 -15.11 -7.59 -10.80
N PRO D 59 -14.25 -7.62 -11.82
CA PRO D 59 -13.06 -6.77 -11.84
C PRO D 59 -13.26 -5.28 -12.14
N TYR D 60 -12.39 -4.49 -11.54
CA TYR D 60 -12.37 -3.05 -11.76
C TYR D 60 -12.34 -2.89 -13.29
N GLY D 61 -13.09 -1.91 -13.80
CA GLY D 61 -13.11 -1.69 -15.23
C GLY D 61 -14.19 -2.45 -15.97
N ALA D 62 -14.76 -3.49 -15.36
CA ALA D 62 -15.80 -4.27 -16.03
C ALA D 62 -17.00 -3.40 -16.42
N VAL D 63 -17.73 -3.83 -17.44
CA VAL D 63 -18.90 -3.11 -17.93
C VAL D 63 -20.16 -3.81 -17.45
N LEU D 64 -21.13 -3.04 -16.96
CA LEU D 64 -22.38 -3.62 -16.47
C LEU D 64 -23.52 -3.30 -17.43
N ALA D 65 -24.28 -4.32 -17.78
CA ALA D 65 -25.43 -4.17 -18.68
C ALA D 65 -26.54 -3.51 -17.87
N LYS D 66 -26.66 -3.92 -16.61
CA LYS D 66 -27.69 -3.39 -15.73
C LYS D 66 -27.12 -3.05 -14.35
N GLY D 67 -27.74 -2.07 -13.69
CA GLY D 67 -27.31 -1.68 -12.36
C GLY D 67 -27.84 -2.59 -11.27
N ASP D 68 -27.41 -2.31 -10.03
CA ASP D 68 -27.78 -3.07 -8.85
C ASP D 68 -29.29 -3.01 -8.64
N GLY D 69 -29.85 -4.16 -8.31
CA GLY D 69 -31.27 -4.25 -8.07
C GLY D 69 -32.12 -4.58 -9.29
N GLU D 70 -31.58 -4.36 -10.49
CA GLU D 70 -32.34 -4.64 -11.71
C GLU D 70 -32.77 -6.09 -11.92
N GLN D 71 -33.88 -6.25 -12.61
CA GLN D 71 -34.47 -7.56 -12.93
C GLN D 71 -33.76 -8.11 -14.16
N VAL D 72 -33.59 -9.43 -14.22
CA VAL D 72 -32.93 -10.05 -15.37
C VAL D 72 -33.59 -11.37 -15.77
N ALA D 73 -33.46 -11.71 -17.04
CA ALA D 73 -34.04 -12.95 -17.56
C ALA D 73 -32.93 -13.98 -17.69
N GLY D 74 -33.29 -15.25 -17.49
CA GLY D 74 -32.31 -16.31 -17.60
C GLY D 74 -31.58 -16.24 -18.94
N GLY D 75 -30.30 -16.58 -18.92
CA GLY D 75 -29.49 -16.57 -20.12
C GLY D 75 -28.80 -15.24 -20.38
N GLU D 76 -29.56 -14.17 -20.16
CA GLU D 76 -29.10 -12.79 -20.35
C GLU D 76 -27.70 -12.51 -19.79
N THR D 77 -26.88 -11.78 -20.56
CA THR D 77 -25.52 -11.43 -20.14
C THR D 77 -25.55 -10.08 -19.43
N VAL D 78 -25.07 -10.03 -18.19
CA VAL D 78 -25.09 -8.80 -17.41
C VAL D 78 -23.78 -8.05 -17.22
N ALA D 79 -22.65 -8.64 -17.59
CA ALA D 79 -21.37 -7.95 -17.44
C ALA D 79 -20.26 -8.60 -18.25
N ASN D 80 -19.29 -7.80 -18.69
CA ASN D 80 -18.15 -8.30 -19.44
C ASN D 80 -16.92 -7.45 -19.16
N TRP D 81 -15.75 -8.04 -19.38
CA TRP D 81 -14.49 -7.36 -19.13
C TRP D 81 -13.37 -8.09 -19.84
N ASP D 82 -12.20 -7.46 -19.88
CA ASP D 82 -11.03 -8.07 -20.50
C ASP D 82 -10.45 -9.09 -19.53
N PRO D 83 -10.22 -10.33 -20.00
CA PRO D 83 -9.67 -11.41 -19.17
C PRO D 83 -8.23 -11.17 -18.69
N HIS D 84 -7.37 -10.66 -19.57
CA HIS D 84 -5.96 -10.47 -19.21
C HIS D 84 -5.55 -9.03 -19.16
N THR D 85 -6.51 -8.15 -18.87
CA THR D 85 -6.20 -6.74 -18.81
C THR D 85 -7.05 -5.99 -17.79
N MET D 86 -6.50 -4.86 -17.35
CA MET D 86 -7.11 -3.99 -16.36
C MET D 86 -6.96 -2.57 -16.93
N PRO D 87 -8.03 -1.76 -16.93
CA PRO D 87 -7.88 -0.42 -17.48
C PRO D 87 -7.50 0.66 -16.50
N VAL D 88 -6.88 1.71 -17.03
CA VAL D 88 -6.54 2.89 -16.23
C VAL D 88 -7.71 3.77 -16.63
N ILE D 89 -8.58 4.11 -15.69
CA ILE D 89 -9.74 4.94 -15.99
C ILE D 89 -9.66 6.36 -15.49
N THR D 90 -10.12 7.31 -16.30
CA THR D 90 -10.08 8.70 -15.90
C THR D 90 -11.23 8.99 -14.96
N GLU D 91 -11.00 9.83 -13.95
CA GLU D 91 -12.02 10.17 -12.98
C GLU D 91 -12.73 11.44 -13.43
N VAL D 92 -12.12 12.17 -14.36
CA VAL D 92 -12.70 13.42 -14.83
C VAL D 92 -12.89 13.49 -16.35
N SER D 93 -13.75 14.41 -16.77
CA SER D 93 -14.01 14.65 -18.18
C SER D 93 -13.07 15.74 -18.68
N GLY D 94 -12.84 15.77 -19.98
CA GLY D 94 -11.96 16.79 -20.53
C GLY D 94 -11.32 16.38 -21.84
N PHE D 95 -10.03 16.67 -21.98
CA PHE D 95 -9.27 16.34 -23.18
C PHE D 95 -7.93 15.77 -22.79
N VAL D 96 -7.49 14.76 -23.54
CA VAL D 96 -6.22 14.10 -23.27
C VAL D 96 -5.02 14.84 -23.86
N ARG D 97 -3.98 15.03 -23.06
CA ARG D 97 -2.76 15.67 -23.53
C ARG D 97 -1.54 14.82 -23.20
N PHE D 98 -0.97 14.20 -24.23
CA PHE D 98 0.23 13.37 -24.06
C PHE D 98 1.33 14.17 -23.36
N THR D 99 2.11 13.50 -22.51
CA THR D 99 3.17 14.15 -21.77
C THR D 99 4.34 13.21 -21.54
N ASP D 100 5.53 13.64 -21.95
CA ASP D 100 6.73 12.83 -21.77
C ASP D 100 6.61 11.48 -22.47
N MET D 101 5.84 11.46 -23.55
CA MET D 101 5.69 10.21 -24.31
C MET D 101 6.41 10.34 -25.64
N ILE D 102 7.68 9.98 -25.63
CA ILE D 102 8.53 10.05 -26.81
C ILE D 102 8.81 8.67 -27.37
N ASP D 103 8.45 8.45 -28.62
CA ASP D 103 8.67 7.16 -29.24
C ASP D 103 10.15 6.78 -29.20
N GLY D 104 10.42 5.56 -28.76
CA GLY D 104 11.80 5.11 -28.67
C GLY D 104 12.46 5.53 -27.38
N GLN D 105 11.87 6.51 -26.72
CA GLN D 105 12.41 7.01 -25.47
C GLN D 105 11.60 6.48 -24.28
N THR D 106 10.29 6.70 -24.29
CA THR D 106 9.42 6.23 -23.21
C THR D 106 8.31 5.31 -23.72
N ILE D 107 7.90 5.50 -24.96
CA ILE D 107 6.86 4.67 -25.55
C ILE D 107 7.36 4.03 -26.84
N THR D 108 6.52 3.20 -27.46
CA THR D 108 6.90 2.52 -28.70
C THR D 108 5.65 1.99 -29.41
N ARG D 109 5.67 2.02 -30.74
CA ARG D 109 4.55 1.50 -31.52
C ARG D 109 4.73 -0.01 -31.60
N GLN D 110 3.70 -0.74 -31.19
CA GLN D 110 3.75 -2.20 -31.22
C GLN D 110 2.49 -2.89 -31.74
N THR D 111 2.62 -4.17 -32.07
CA THR D 111 1.52 -4.98 -32.62
C THR D 111 1.53 -6.39 -31.96
N ASP D 112 0.40 -6.75 -31.37
CA ASP D 112 0.14 -8.02 -30.72
C ASP D 112 -0.71 -8.75 -31.70
N GLU D 113 -0.56 -8.35 -32.95
CA GLU D 113 -1.13 -9.03 -34.10
C GLU D 113 -2.63 -9.33 -34.09
N LEU D 114 -3.15 -9.78 -32.95
CA LEU D 114 -4.59 -10.09 -32.86
C LEU D 114 -5.46 -8.85 -32.56
N THR D 115 -5.16 -8.20 -31.46
CA THR D 115 -5.87 -6.98 -31.05
C THR D 115 -4.91 -5.79 -31.08
N GLY D 116 -3.69 -6.02 -31.51
CA GLY D 116 -2.82 -4.87 -31.46
C GLY D 116 -2.30 -4.63 -32.82
N LEU D 117 -3.18 -4.10 -33.69
CA LEU D 117 -2.90 -3.81 -35.09
C LEU D 117 -2.03 -2.59 -35.05
N SER D 118 -2.27 -1.75 -34.05
CA SER D 118 -1.44 -0.58 -33.85
C SER D 118 -1.67 0.00 -32.46
N SER D 119 -0.64 0.01 -31.62
CA SER D 119 -0.73 0.54 -30.26
C SER D 119 0.52 1.22 -29.78
N LEU D 120 0.39 2.05 -28.75
CA LEU D 120 1.54 2.72 -28.16
C LEU D 120 1.69 1.98 -26.85
N VAL D 121 2.92 1.62 -26.49
CA VAL D 121 3.16 0.90 -25.25
C VAL D 121 4.24 1.64 -24.48
N VAL D 122 4.09 1.67 -23.17
CA VAL D 122 5.05 2.33 -22.31
C VAL D 122 6.21 1.39 -21.99
N LEU D 123 7.43 1.88 -22.18
CA LEU D 123 8.63 1.10 -21.92
C LEU D 123 8.91 0.98 -20.43
N ASP D 124 9.37 -0.18 -20.00
CA ASP D 124 9.71 -0.36 -18.59
C ASP D 124 10.92 0.54 -18.30
N SER D 125 11.23 0.73 -17.03
CA SER D 125 12.36 1.56 -16.64
C SER D 125 13.64 0.98 -17.24
N ALA D 126 13.65 -0.33 -17.42
CA ALA D 126 14.78 -1.05 -17.97
C ALA D 126 14.99 -0.79 -19.46
N GLU D 127 13.91 -0.82 -20.23
CA GLU D 127 13.97 -0.61 -21.68
C GLU D 127 14.29 0.81 -22.11
N ARG D 128 14.21 1.78 -21.20
CA ARG D 128 14.50 3.17 -21.52
C ARG D 128 16.00 3.43 -21.54
N THR D 129 16.39 4.48 -22.25
CA THR D 129 17.80 4.86 -22.35
C THR D 129 18.23 5.54 -21.05
N ALA D 130 19.39 6.18 -21.06
CA ALA D 130 19.89 6.86 -19.87
C ALA D 130 18.94 7.99 -19.48
N GLY D 131 18.51 8.77 -20.47
CA GLY D 131 17.62 9.87 -20.20
C GLY D 131 16.15 9.48 -20.22
N GLY D 132 15.89 8.18 -20.31
CA GLY D 132 14.53 7.71 -20.33
C GLY D 132 13.98 7.53 -18.93
N LYS D 133 14.84 7.05 -18.03
CA LYS D 133 14.46 6.82 -16.64
C LYS D 133 14.00 8.06 -15.91
N ASP D 134 14.49 9.24 -16.33
CA ASP D 134 14.12 10.47 -15.65
C ASP D 134 12.77 11.03 -16.13
N LEU D 135 12.32 10.62 -17.32
CA LEU D 135 11.04 11.08 -17.85
C LEU D 135 9.91 10.25 -17.29
N ARG D 136 8.73 10.84 -17.19
CA ARG D 136 7.57 10.15 -16.66
C ARG D 136 6.35 10.28 -17.59
N PRO D 137 6.19 9.34 -18.54
CA PRO D 137 5.08 9.35 -19.50
C PRO D 137 3.72 9.37 -18.80
N ALA D 138 2.86 10.30 -19.20
CA ALA D 138 1.56 10.44 -18.57
C ALA D 138 0.51 11.12 -19.45
N LEU D 139 -0.75 10.90 -19.10
CA LEU D 139 -1.85 11.49 -19.84
C LEU D 139 -2.45 12.59 -18.97
N LYS D 140 -2.19 13.84 -19.33
CA LYS D 140 -2.71 14.98 -18.59
C LYS D 140 -4.10 15.34 -19.11
N ILE D 141 -4.97 15.80 -18.21
CA ILE D 141 -6.32 16.15 -18.61
C ILE D 141 -6.55 17.66 -18.60
N VAL D 142 -6.85 18.22 -19.77
CA VAL D 142 -7.08 19.65 -19.89
C VAL D 142 -8.51 19.88 -20.40
N ASP D 143 -9.02 21.09 -20.24
CA ASP D 143 -10.37 21.39 -20.72
C ASP D 143 -10.28 21.92 -22.14
N ALA D 144 -11.42 22.35 -22.68
CA ALA D 144 -11.47 22.88 -24.03
C ALA D 144 -10.39 23.95 -24.25
N GLN D 145 -10.15 24.75 -23.22
CA GLN D 145 -9.17 25.82 -23.30
C GLN D 145 -7.77 25.42 -22.89
N GLY D 146 -7.47 24.12 -22.91
CA GLY D 146 -6.15 23.66 -22.54
C GLY D 146 -5.76 23.89 -21.09
N ASN D 147 -6.72 24.31 -20.26
CA ASN D 147 -6.43 24.54 -18.85
C ASN D 147 -6.59 23.24 -18.06
N ASP D 148 -5.90 23.16 -16.93
CA ASP D 148 -5.97 21.97 -16.09
C ASP D 148 -7.34 21.66 -15.54
N VAL D 149 -7.65 20.36 -15.50
CA VAL D 149 -8.90 19.89 -14.94
C VAL D 149 -8.44 19.27 -13.62
N LEU D 150 -9.15 19.57 -12.53
CA LEU D 150 -8.72 19.06 -11.23
C LEU D 150 -9.42 17.78 -10.79
N ILE D 151 -8.72 17.01 -9.97
CA ILE D 151 -9.30 15.79 -9.43
C ILE D 151 -10.28 16.23 -8.35
N PRO D 152 -11.56 15.84 -8.48
CA PRO D 152 -12.57 16.22 -7.49
C PRO D 152 -12.14 15.97 -6.05
N GLY D 153 -12.47 16.92 -5.18
CA GLY D 153 -12.13 16.78 -3.77
C GLY D 153 -10.72 17.21 -3.44
N THR D 154 -9.92 17.45 -4.47
CA THR D 154 -8.56 17.88 -4.27
C THR D 154 -8.35 19.15 -5.07
N ASP D 155 -7.10 19.56 -5.17
CA ASP D 155 -6.76 20.76 -5.89
C ASP D 155 -5.62 20.40 -6.84
N MET D 156 -5.38 19.09 -6.98
CA MET D 156 -4.32 18.58 -7.84
C MET D 156 -4.74 18.46 -9.30
N PRO D 157 -3.89 18.96 -10.22
CA PRO D 157 -4.22 18.87 -11.65
C PRO D 157 -4.19 17.41 -12.05
N ALA D 158 -5.26 16.94 -12.67
CA ALA D 158 -5.38 15.55 -13.10
C ALA D 158 -4.36 15.15 -14.16
N GLN D 159 -3.46 14.25 -13.79
CA GLN D 159 -2.43 13.74 -14.69
C GLN D 159 -2.31 12.25 -14.39
N TYR D 160 -2.65 11.42 -15.38
CA TYR D 160 -2.57 9.98 -15.19
C TYR D 160 -1.30 9.38 -15.77
N PHE D 161 -0.32 9.14 -14.89
CA PHE D 161 0.95 8.56 -15.30
C PHE D 161 0.68 7.13 -15.76
N LEU D 162 1.50 6.66 -16.69
CA LEU D 162 1.34 5.32 -17.22
C LEU D 162 2.43 4.37 -16.76
N PRO D 163 2.04 3.25 -16.13
CA PRO D 163 3.00 2.26 -15.65
C PRO D 163 3.69 1.56 -16.81
N GLY D 164 4.86 0.98 -16.54
CA GLY D 164 5.59 0.28 -17.58
C GLY D 164 4.70 -0.79 -18.21
N LYS D 165 4.77 -0.89 -19.54
CA LYS D 165 4.00 -1.87 -20.32
C LYS D 165 2.52 -1.52 -20.55
N ALA D 166 2.09 -0.36 -20.06
CA ALA D 166 0.71 0.03 -20.26
C ALA D 166 0.51 0.20 -21.76
N ILE D 167 -0.66 -0.18 -22.24
CA ILE D 167 -1.02 -0.05 -23.66
C ILE D 167 -1.99 1.13 -23.78
N VAL D 168 -1.57 2.19 -24.45
CA VAL D 168 -2.41 3.36 -24.59
C VAL D 168 -3.58 3.16 -25.55
N GLN D 169 -4.79 3.56 -25.12
CA GLN D 169 -6.01 3.41 -25.91
C GLN D 169 -6.50 4.67 -26.63
N LEU D 170 -5.78 5.77 -26.49
CA LEU D 170 -6.24 6.98 -27.11
C LEU D 170 -5.25 7.66 -28.03
N GLU D 171 -5.75 8.72 -28.66
CA GLU D 171 -4.98 9.55 -29.57
C GLU D 171 -4.78 10.83 -28.79
N ASP D 172 -3.62 11.46 -28.94
CA ASP D 172 -3.37 12.71 -28.23
C ASP D 172 -4.44 13.76 -28.60
N GLY D 173 -4.92 14.48 -27.60
CA GLY D 173 -5.92 15.51 -27.83
C GLY D 173 -7.38 15.07 -27.86
N VAL D 174 -7.63 13.77 -27.83
CA VAL D 174 -9.00 13.28 -27.90
C VAL D 174 -9.85 13.69 -26.69
N GLN D 175 -11.15 13.84 -26.91
CA GLN D 175 -12.06 14.22 -25.84
C GLN D 175 -12.45 12.97 -25.04
N ILE D 176 -12.73 13.13 -23.76
CA ILE D 176 -13.12 12.01 -22.91
C ILE D 176 -14.08 12.42 -21.81
N SER D 177 -14.80 11.44 -21.30
CA SER D 177 -15.73 11.67 -20.22
C SER D 177 -15.23 10.86 -19.03
N SER D 178 -15.69 11.20 -17.83
CA SER D 178 -15.28 10.45 -16.65
C SER D 178 -15.68 8.99 -16.93
N GLY D 179 -14.85 8.04 -16.53
CA GLY D 179 -15.21 6.65 -16.78
C GLY D 179 -14.62 6.06 -18.04
N ASP D 180 -14.12 6.91 -18.94
CA ASP D 180 -13.51 6.42 -20.17
C ASP D 180 -12.15 5.75 -19.93
N THR D 181 -11.80 4.76 -20.74
CA THR D 181 -10.53 4.06 -20.58
C THR D 181 -9.37 4.84 -21.19
N LEU D 182 -8.32 5.06 -20.40
CA LEU D 182 -7.16 5.80 -20.89
C LEU D 182 -6.09 4.88 -21.46
N ALA D 183 -5.91 3.75 -20.80
CA ALA D 183 -4.92 2.77 -21.19
C ALA D 183 -5.25 1.44 -20.53
N ARG D 184 -4.47 0.42 -20.86
CA ARG D 184 -4.68 -0.91 -20.31
C ARG D 184 -3.39 -1.52 -19.76
N ILE D 185 -3.52 -2.19 -18.62
CA ILE D 185 -2.42 -2.82 -17.93
C ILE D 185 -2.47 -4.33 -18.13
N PRO D 186 -1.49 -4.89 -18.84
CA PRO D 186 -1.45 -6.33 -19.10
C PRO D 186 -1.16 -7.07 -17.80
N GLN D 187 -1.77 -8.23 -17.63
CA GLN D 187 -1.55 -9.02 -16.42
C GLN D 187 -0.13 -9.58 -16.40
N GLU D 188 0.32 -9.99 -15.22
CA GLU D 188 1.65 -10.55 -15.01
C GLU D 188 1.67 -12.06 -15.30
N SER D 189 2.59 -12.51 -16.14
CA SER D 189 2.68 -13.94 -16.46
C SER D 189 4.05 -14.53 -16.19
N SER E 2 -2.61 28.25 -36.49
CA SER E 2 -2.97 28.54 -37.92
C SER E 2 -4.44 28.34 -38.05
N HIS E 3 -4.92 28.17 -39.27
CA HIS E 3 -6.37 28.01 -39.50
C HIS E 3 -6.88 26.62 -39.98
N MET E 4 -6.33 25.55 -39.45
CA MET E 4 -6.74 24.21 -39.87
C MET E 4 -7.29 23.29 -38.77
N ALA E 5 -8.30 23.79 -38.05
CA ALA E 5 -8.95 23.01 -37.00
C ALA E 5 -9.72 21.85 -37.61
N ALA E 6 -10.32 22.08 -38.78
CA ALA E 6 -11.09 21.03 -39.46
C ALA E 6 -10.31 19.73 -39.51
N ALA E 7 -9.01 19.81 -39.81
CA ALA E 7 -8.18 18.62 -39.89
C ALA E 7 -7.99 17.96 -38.54
N GLU E 8 -8.33 18.67 -37.46
CA GLU E 8 -8.19 18.09 -36.12
C GLU E 8 -9.26 17.04 -35.85
N SER E 9 -10.43 17.22 -36.46
CA SER E 9 -11.54 16.28 -36.29
C SER E 9 -11.98 15.65 -37.61
N SER E 10 -11.01 15.25 -38.42
CA SER E 10 -11.31 14.60 -39.69
C SER E 10 -10.00 14.07 -40.26
N ILE E 11 -10.10 13.17 -41.23
CA ILE E 11 -8.92 12.58 -41.85
C ILE E 11 -8.89 12.89 -43.33
N GLN E 12 -7.87 13.61 -43.77
CA GLN E 12 -7.71 13.92 -45.19
C GLN E 12 -6.58 13.02 -45.67
N VAL E 13 -6.87 12.14 -46.61
CA VAL E 13 -5.84 11.24 -47.13
C VAL E 13 -4.82 12.09 -47.90
N LYS E 14 -3.55 11.71 -47.81
CA LYS E 14 -2.47 12.46 -48.46
C LYS E 14 -2.10 11.97 -49.86
N ASN E 15 -2.41 10.71 -50.16
CA ASN E 15 -2.09 10.14 -51.46
C ASN E 15 -3.27 9.41 -52.09
N LYS E 16 -3.31 9.42 -53.42
CA LYS E 16 -4.37 8.71 -54.12
C LYS E 16 -4.12 7.24 -53.83
N GLY E 17 -5.18 6.45 -53.75
CA GLY E 17 -5.02 5.05 -53.47
C GLY E 17 -6.35 4.41 -53.14
N SER E 18 -6.35 3.55 -52.12
CA SER E 18 -7.56 2.88 -51.68
C SER E 18 -7.55 2.81 -50.16
N ILE E 19 -8.73 2.89 -49.57
CA ILE E 19 -8.88 2.87 -48.12
C ILE E 19 -8.87 1.44 -47.59
N LYS E 20 -8.26 1.27 -46.41
CA LYS E 20 -8.22 -0.04 -45.78
C LYS E 20 -8.59 0.11 -44.30
N LEU E 21 -9.59 -0.66 -43.86
CA LEU E 21 -10.04 -0.59 -42.49
C LEU E 21 -9.84 -1.91 -41.76
N SER E 22 -9.34 -1.83 -40.53
CA SER E 22 -9.11 -3.02 -39.71
C SER E 22 -9.75 -2.81 -38.34
N ASN E 23 -10.12 -3.91 -37.71
CA ASN E 23 -10.77 -3.88 -36.40
C ASN E 23 -11.89 -2.86 -36.45
N VAL E 24 -12.80 -3.05 -37.40
CA VAL E 24 -13.91 -2.13 -37.59
C VAL E 24 -15.30 -2.74 -37.51
N LYS E 25 -16.20 -2.00 -36.88
CA LYS E 25 -17.59 -2.37 -36.74
C LYS E 25 -18.35 -1.18 -37.30
N SER E 26 -18.74 -1.24 -38.57
CA SER E 26 -19.46 -0.13 -39.19
C SER E 26 -20.93 -0.45 -39.40
N VAL E 27 -21.75 0.59 -39.35
CA VAL E 27 -23.19 0.45 -39.54
C VAL E 27 -23.73 1.68 -40.29
N VAL E 28 -24.79 1.48 -41.07
CA VAL E 28 -25.38 2.57 -41.87
C VAL E 28 -26.57 3.16 -41.16
N ASN E 29 -26.55 4.45 -40.85
CA ASN E 29 -27.67 5.03 -40.12
C ASN E 29 -28.77 5.67 -40.96
N SER E 30 -29.83 6.14 -40.32
CA SER E 30 -30.94 6.70 -41.08
C SER E 30 -30.68 8.03 -41.76
N SER E 31 -29.49 8.57 -41.58
CA SER E 31 -29.16 9.82 -42.26
C SER E 31 -28.37 9.45 -43.50
N GLY E 32 -28.25 8.16 -43.79
CA GLY E 32 -27.50 7.76 -44.97
C GLY E 32 -26.00 7.81 -44.75
N LYS E 33 -25.57 7.64 -43.50
CA LYS E 33 -24.15 7.68 -43.18
C LYS E 33 -23.57 6.38 -42.67
N LEU E 34 -22.28 6.19 -42.93
CA LEU E 34 -21.61 4.98 -42.46
C LEU E 34 -20.93 5.39 -41.16
N VAL E 35 -21.40 4.82 -40.06
CA VAL E 35 -20.88 5.12 -38.75
C VAL E 35 -20.14 3.96 -38.12
N ILE E 36 -18.96 4.23 -37.57
CA ILE E 36 -18.20 3.16 -36.95
C ILE E 36 -18.59 3.13 -35.47
N THR E 37 -18.93 1.94 -34.97
CA THR E 37 -19.34 1.79 -33.58
C THR E 37 -18.31 1.05 -32.74
N SER E 38 -17.14 0.79 -33.33
CA SER E 38 -16.07 0.10 -32.62
C SER E 38 -15.02 1.11 -32.18
N ARG E 39 -14.21 0.75 -31.19
CA ARG E 39 -13.14 1.63 -30.75
C ARG E 39 -11.86 1.02 -31.32
N ASN E 40 -10.81 1.83 -31.43
CA ASN E 40 -9.54 1.33 -31.97
C ASN E 40 -9.53 1.04 -33.46
N THR E 41 -10.55 1.50 -34.18
CA THR E 41 -10.59 1.28 -35.62
C THR E 41 -9.36 1.93 -36.25
N GLU E 42 -8.83 1.32 -37.29
CA GLU E 42 -7.66 1.85 -37.95
C GLU E 42 -7.94 2.07 -39.44
N LEU E 43 -7.65 3.29 -39.93
CA LEU E 43 -7.88 3.63 -41.33
C LEU E 43 -6.51 3.76 -41.99
N LYS E 44 -6.26 2.94 -43.00
CA LYS E 44 -4.97 2.98 -43.68
C LYS E 44 -5.09 3.34 -45.15
N LEU E 45 -4.11 4.05 -45.66
CA LEU E 45 -4.10 4.39 -47.07
C LEU E 45 -3.11 3.48 -47.78
N ILE E 46 -3.60 2.70 -48.73
CA ILE E 46 -2.79 1.79 -49.49
C ILE E 46 -2.63 2.39 -50.88
N ASP E 47 -1.40 2.58 -51.35
CA ASP E 47 -1.20 3.15 -52.68
C ASP E 47 -1.58 2.11 -53.72
N GLU E 48 -1.63 2.53 -54.97
CA GLU E 48 -1.99 1.67 -56.08
C GLU E 48 -1.09 0.44 -56.20
N PHE E 49 0.01 0.42 -55.48
CA PHE E 49 0.92 -0.72 -55.55
C PHE E 49 0.82 -1.63 -54.33
N GLY E 50 -0.17 -1.36 -53.48
CA GLY E 50 -0.37 -2.19 -52.32
C GLY E 50 0.49 -1.84 -51.12
N ARG E 51 1.08 -0.64 -51.12
CA ARG E 51 1.93 -0.23 -50.00
C ARG E 51 1.23 0.70 -49.00
N THR E 52 1.30 0.33 -47.73
CA THR E 52 0.70 1.17 -46.69
C THR E 52 1.49 2.47 -46.60
N LYS E 53 0.85 3.58 -46.93
CA LYS E 53 1.49 4.89 -46.91
C LYS E 53 1.13 5.67 -45.65
N GLU E 54 -0.13 5.56 -45.24
CA GLU E 54 -0.63 6.28 -44.08
C GLU E 54 -1.43 5.35 -43.17
N SER E 55 -1.55 5.73 -41.90
CA SER E 55 -2.30 4.94 -40.96
C SER E 55 -2.85 5.86 -39.88
N TYR E 56 -4.17 5.86 -39.72
CA TYR E 56 -4.83 6.72 -38.74
C TYR E 56 -5.73 5.95 -37.81
N LYS E 57 -6.00 6.56 -36.65
CA LYS E 57 -6.89 5.97 -35.68
C LYS E 57 -8.22 6.69 -35.88
N VAL E 58 -9.30 5.93 -36.02
CA VAL E 58 -10.60 6.56 -36.21
C VAL E 58 -11.45 6.40 -34.96
N PRO E 59 -11.91 7.52 -34.41
CA PRO E 59 -12.74 7.59 -33.20
C PRO E 59 -14.07 6.88 -33.29
N TYR E 60 -14.60 6.51 -32.13
CA TYR E 60 -15.89 5.86 -31.99
C TYR E 60 -16.90 6.88 -32.49
N GLY E 61 -17.88 6.44 -33.25
CA GLY E 61 -18.90 7.36 -33.74
C GLY E 61 -18.50 8.25 -34.90
N ALA E 62 -17.30 8.06 -35.44
CA ALA E 62 -16.87 8.87 -36.56
C ALA E 62 -17.66 8.44 -37.79
N VAL E 63 -17.72 9.33 -38.77
CA VAL E 63 -18.43 9.05 -39.99
C VAL E 63 -17.40 8.77 -41.09
N LEU E 64 -17.58 7.63 -41.76
CA LEU E 64 -16.69 7.26 -42.85
C LEU E 64 -17.38 7.66 -44.15
N ALA E 65 -16.64 8.32 -45.04
CA ALA E 65 -17.19 8.74 -46.31
C ALA E 65 -17.25 7.55 -47.26
N LYS E 66 -16.29 6.63 -47.13
CA LYS E 66 -16.22 5.47 -47.99
C LYS E 66 -15.85 4.22 -47.22
N GLY E 67 -16.35 3.07 -47.67
CA GLY E 67 -16.07 1.81 -46.99
C GLY E 67 -14.70 1.24 -47.32
N ASP E 68 -14.38 0.11 -46.69
CA ASP E 68 -13.12 -0.59 -46.89
C ASP E 68 -12.91 -0.97 -48.35
N GLY E 69 -11.70 -0.73 -48.85
CA GLY E 69 -11.36 -1.08 -50.23
C GLY E 69 -11.61 -0.02 -51.29
N GLU E 70 -12.37 1.01 -50.96
CA GLU E 70 -12.70 2.05 -51.94
C GLU E 70 -11.56 2.97 -52.37
N GLN E 71 -11.56 3.33 -53.63
CA GLN E 71 -10.55 4.23 -54.16
C GLN E 71 -10.79 5.62 -53.61
N VAL E 72 -9.71 6.38 -53.46
CA VAL E 72 -9.80 7.74 -52.96
C VAL E 72 -8.72 8.55 -53.64
N ALA E 73 -8.95 9.85 -53.78
CA ALA E 73 -7.97 10.73 -54.41
C ALA E 73 -7.23 11.47 -53.30
N GLY E 74 -6.07 12.03 -53.65
CA GLY E 74 -5.28 12.76 -52.66
C GLY E 74 -5.99 13.95 -52.06
N GLY E 75 -5.76 14.19 -50.76
CA GLY E 75 -6.38 15.31 -50.09
C GLY E 75 -7.87 15.14 -49.84
N GLU E 76 -8.41 13.99 -50.23
CA GLU E 76 -9.83 13.72 -50.04
C GLU E 76 -10.17 13.41 -48.58
N THR E 77 -11.29 13.94 -48.10
CA THR E 77 -11.71 13.70 -46.71
C THR E 77 -12.47 12.39 -46.64
N VAL E 78 -11.96 11.45 -45.85
CA VAL E 78 -12.57 10.14 -45.74
C VAL E 78 -13.22 9.83 -44.40
N ALA E 79 -12.98 10.68 -43.41
CA ALA E 79 -13.56 10.50 -42.10
C ALA E 79 -13.77 11.88 -41.49
N ASN E 80 -14.74 11.98 -40.60
CA ASN E 80 -15.02 13.25 -39.96
C ASN E 80 -15.82 12.99 -38.70
N TRP E 81 -15.65 13.85 -37.70
CA TRP E 81 -16.36 13.74 -36.44
C TRP E 81 -16.44 15.11 -35.77
N ASP E 82 -17.18 15.19 -34.67
CA ASP E 82 -17.33 16.44 -33.92
C ASP E 82 -16.16 16.59 -32.96
N PRO E 83 -15.57 17.79 -32.88
CA PRO E 83 -14.43 18.01 -31.97
C PRO E 83 -14.88 18.40 -30.56
N HIS E 84 -16.12 18.84 -30.43
CA HIS E 84 -16.66 19.31 -29.15
C HIS E 84 -17.62 18.37 -28.42
N THR E 85 -18.19 17.41 -29.12
CA THR E 85 -19.10 16.49 -28.43
C THR E 85 -18.78 15.05 -28.78
N MET E 86 -19.13 14.17 -27.85
CA MET E 86 -18.92 12.74 -28.05
C MET E 86 -20.31 12.18 -28.25
N PRO E 87 -20.53 11.45 -29.36
CA PRO E 87 -21.85 10.88 -29.61
C PRO E 87 -22.02 9.52 -28.97
N VAL E 88 -23.22 9.28 -28.44
CA VAL E 88 -23.53 7.99 -27.86
C VAL E 88 -24.35 7.37 -29.00
N ILE E 89 -23.85 6.29 -29.57
CA ILE E 89 -24.55 5.69 -30.69
C ILE E 89 -25.16 4.33 -30.40
N THR E 90 -26.34 4.07 -30.93
CA THR E 90 -26.96 2.77 -30.72
C THR E 90 -26.38 1.83 -31.77
N GLU E 91 -26.13 0.59 -31.37
CA GLU E 91 -25.58 -0.40 -32.30
C GLU E 91 -26.69 -1.26 -32.87
N VAL E 92 -27.90 -1.02 -32.42
CA VAL E 92 -29.05 -1.79 -32.90
C VAL E 92 -30.24 -0.94 -33.31
N SER E 93 -31.01 -1.45 -34.26
CA SER E 93 -32.23 -0.79 -34.76
C SER E 93 -33.42 -1.16 -33.87
N GLY E 94 -34.40 -0.28 -33.79
CA GLY E 94 -35.56 -0.58 -32.97
C GLY E 94 -36.21 0.72 -32.54
N PHE E 95 -36.66 0.78 -31.28
CA PHE E 95 -37.30 1.98 -30.74
C PHE E 95 -36.69 2.45 -29.42
N VAL E 96 -36.58 3.77 -29.26
CA VAL E 96 -36.01 4.36 -28.06
C VAL E 96 -37.00 4.35 -26.92
N ARG E 97 -36.54 3.97 -25.73
CA ARG E 97 -37.40 3.94 -24.56
C ARG E 97 -36.76 4.60 -23.35
N PHE E 98 -37.14 5.85 -23.10
CA PHE E 98 -36.63 6.61 -21.96
C PHE E 98 -36.72 5.77 -20.68
N THR E 99 -35.60 5.69 -19.97
CA THR E 99 -35.56 4.93 -18.72
C THR E 99 -34.96 5.78 -17.60
N ASP E 100 -35.64 5.80 -16.46
CA ASP E 100 -35.17 6.57 -15.32
C ASP E 100 -34.94 8.04 -15.64
N MET E 101 -35.67 8.54 -16.62
CA MET E 101 -35.55 9.94 -17.00
C MET E 101 -36.83 10.66 -16.55
N ILE E 102 -36.76 11.29 -15.39
CA ILE E 102 -37.89 12.00 -14.82
C ILE E 102 -37.54 13.48 -14.64
N ASP E 103 -38.30 14.35 -15.29
CA ASP E 103 -38.05 15.78 -15.20
C ASP E 103 -37.87 16.22 -13.74
N GLY E 104 -37.15 17.31 -13.53
CA GLY E 104 -36.91 17.80 -12.19
C GLY E 104 -36.00 16.91 -11.36
N GLN E 105 -35.99 15.61 -11.68
CA GLN E 105 -35.17 14.64 -10.95
C GLN E 105 -33.87 14.28 -11.66
N THR E 106 -33.98 13.75 -12.87
CA THR E 106 -32.80 13.34 -13.64
C THR E 106 -32.58 14.09 -14.96
N ILE E 107 -33.66 14.59 -15.55
CA ILE E 107 -33.55 15.34 -16.81
C ILE E 107 -34.18 16.71 -16.69
N THR E 108 -34.01 17.51 -17.74
CA THR E 108 -34.53 18.86 -17.78
C THR E 108 -34.60 19.37 -19.21
N ARG E 109 -35.63 20.15 -19.51
CA ARG E 109 -35.80 20.71 -20.84
C ARG E 109 -35.01 22.02 -20.88
N GLN E 110 -34.22 22.20 -21.92
CA GLN E 110 -33.40 23.41 -22.06
C GLN E 110 -33.49 24.00 -23.45
N THR E 111 -33.27 25.30 -23.54
CA THR E 111 -33.35 26.01 -24.81
C THR E 111 -32.29 27.10 -24.88
N ASP E 112 -31.62 27.23 -26.03
CA ASP E 112 -30.60 28.25 -26.20
C ASP E 112 -31.22 29.54 -26.74
N GLU E 113 -30.81 30.67 -26.17
CA GLU E 113 -31.34 31.96 -26.58
C GLU E 113 -31.24 32.18 -28.09
N LEU E 114 -30.27 31.55 -28.73
CA LEU E 114 -30.10 31.74 -30.16
C LEU E 114 -30.41 30.50 -30.99
N THR E 115 -30.43 29.32 -30.37
CA THR E 115 -30.72 28.09 -31.10
C THR E 115 -32.23 27.90 -31.29
N GLY E 116 -32.98 28.19 -30.23
CA GLY E 116 -34.43 28.05 -30.29
C GLY E 116 -34.88 26.62 -30.16
N LEU E 117 -33.92 25.70 -30.04
CA LEU E 117 -34.23 24.27 -29.94
C LEU E 117 -34.28 23.75 -28.51
N SER E 118 -35.45 23.24 -28.13
CA SER E 118 -35.68 22.70 -26.80
C SER E 118 -35.32 21.22 -26.77
N SER E 119 -34.18 20.90 -26.16
CA SER E 119 -33.72 19.52 -26.06
C SER E 119 -33.70 19.09 -24.60
N LEU E 120 -33.78 17.78 -24.35
CA LEU E 120 -33.74 17.28 -22.99
C LEU E 120 -32.26 17.17 -22.63
N VAL E 121 -31.94 17.45 -21.37
CA VAL E 121 -30.57 17.38 -20.90
C VAL E 121 -30.55 16.61 -19.60
N VAL E 122 -29.53 15.78 -19.41
CA VAL E 122 -29.41 14.98 -18.20
C VAL E 122 -28.82 15.82 -17.08
N LEU E 123 -29.35 15.64 -15.88
CA LEU E 123 -28.90 16.39 -14.73
C LEU E 123 -27.68 15.82 -14.06
N ASP E 124 -26.87 16.70 -13.51
CA ASP E 124 -25.76 16.20 -12.74
C ASP E 124 -26.45 15.67 -11.48
N SER E 125 -26.08 14.46 -11.04
CA SER E 125 -26.70 13.83 -9.86
C SER E 125 -27.00 14.77 -8.68
N ALA E 126 -26.16 15.79 -8.54
CA ALA E 126 -26.28 16.79 -7.51
C ALA E 126 -27.59 17.58 -7.72
N GLU E 127 -27.80 18.02 -8.96
CA GLU E 127 -29.01 18.80 -9.28
C GLU E 127 -30.28 17.96 -9.24
N ARG E 128 -30.14 16.72 -8.81
CA ARG E 128 -31.26 15.80 -8.71
C ARG E 128 -32.07 16.01 -7.44
N THR E 129 -33.34 15.62 -7.49
CA THR E 129 -34.25 15.74 -6.36
C THR E 129 -33.92 14.70 -5.29
N ALA E 130 -34.64 14.77 -4.17
CA ALA E 130 -34.43 13.83 -3.08
C ALA E 130 -35.17 12.55 -3.43
N GLY E 131 -34.53 11.41 -3.15
CA GLY E 131 -35.14 10.13 -3.44
C GLY E 131 -35.01 9.70 -4.89
N GLY E 132 -34.44 10.58 -5.71
CA GLY E 132 -34.27 10.26 -7.11
C GLY E 132 -32.80 9.98 -7.39
N LYS E 133 -32.10 9.58 -6.34
CA LYS E 133 -30.67 9.28 -6.41
C LYS E 133 -30.41 7.87 -6.94
N ASP E 134 -31.33 6.96 -6.66
CA ASP E 134 -31.17 5.59 -7.11
C ASP E 134 -31.46 5.40 -8.60
N LEU E 135 -31.74 6.50 -9.28
CA LEU E 135 -32.04 6.46 -10.71
C LEU E 135 -30.80 6.42 -11.59
N ARG E 136 -30.89 5.66 -12.68
CA ARG E 136 -29.79 5.57 -13.63
C ARG E 136 -30.35 5.91 -15.01
N PRO E 137 -30.45 7.21 -15.32
CA PRO E 137 -30.98 7.61 -16.62
C PRO E 137 -30.31 6.85 -17.77
N ALA E 138 -31.12 6.38 -18.72
CA ALA E 138 -30.58 5.63 -19.84
C ALA E 138 -31.55 5.50 -21.00
N LEU E 139 -31.02 5.31 -22.19
CA LEU E 139 -31.83 5.14 -23.38
C LEU E 139 -31.83 3.66 -23.74
N LYS E 140 -32.95 3.00 -23.47
CA LYS E 140 -33.10 1.57 -23.74
C LYS E 140 -33.63 1.39 -25.17
N ILE E 141 -33.21 0.31 -25.85
CA ILE E 141 -33.68 0.05 -27.20
C ILE E 141 -34.55 -1.20 -27.23
N VAL E 142 -35.79 -1.06 -27.71
CA VAL E 142 -36.73 -2.18 -27.76
C VAL E 142 -37.25 -2.42 -29.17
N ASP E 143 -37.69 -3.63 -29.45
CA ASP E 143 -38.23 -3.94 -30.77
C ASP E 143 -39.69 -3.51 -30.81
N ALA E 144 -40.32 -3.58 -31.98
CA ALA E 144 -41.72 -3.17 -32.13
C ALA E 144 -42.67 -3.70 -31.05
N GLN E 145 -42.41 -4.91 -30.55
CA GLN E 145 -43.26 -5.53 -29.53
C GLN E 145 -42.90 -5.14 -28.10
N GLY E 146 -41.96 -4.22 -27.95
CA GLY E 146 -41.57 -3.78 -26.62
C GLY E 146 -40.53 -4.64 -25.94
N ASN E 147 -40.05 -5.69 -26.61
CA ASN E 147 -39.05 -6.58 -26.03
C ASN E 147 -37.65 -6.00 -26.13
N ASP E 148 -36.78 -6.35 -25.20
CA ASP E 148 -35.41 -5.85 -25.23
C ASP E 148 -34.69 -6.30 -26.49
N VAL E 149 -33.83 -5.44 -27.02
CA VAL E 149 -33.05 -5.79 -28.19
C VAL E 149 -31.66 -6.06 -27.64
N LEU E 150 -31.07 -7.18 -28.02
CA LEU E 150 -29.74 -7.52 -27.53
C LEU E 150 -28.65 -7.03 -28.45
N ILE E 151 -27.56 -6.54 -27.85
CA ILE E 151 -26.43 -6.05 -28.63
C ILE E 151 -25.71 -7.26 -29.22
N PRO E 152 -25.62 -7.36 -30.55
CA PRO E 152 -24.93 -8.51 -31.16
C PRO E 152 -23.48 -8.60 -30.70
N GLY E 153 -23.01 -9.81 -30.41
CA GLY E 153 -21.64 -9.99 -29.95
C GLY E 153 -21.73 -10.34 -28.48
N THR E 154 -21.94 -9.32 -27.68
CA THR E 154 -22.13 -9.51 -26.25
C THR E 154 -23.62 -9.79 -26.29
N ASP E 155 -24.23 -10.26 -25.22
CA ASP E 155 -25.68 -10.46 -25.33
C ASP E 155 -26.39 -9.58 -24.32
N MET E 156 -25.76 -8.45 -24.01
CA MET E 156 -26.29 -7.49 -23.07
C MET E 156 -27.45 -6.72 -23.69
N PRO E 157 -28.48 -6.43 -22.90
CA PRO E 157 -29.63 -5.68 -23.42
C PRO E 157 -29.21 -4.25 -23.70
N ALA E 158 -29.67 -3.72 -24.83
CA ALA E 158 -29.33 -2.37 -25.22
C ALA E 158 -29.89 -1.37 -24.22
N GLN E 159 -28.99 -0.80 -23.42
CA GLN E 159 -29.37 0.21 -22.45
C GLN E 159 -28.18 1.15 -22.35
N TYR E 160 -28.30 2.29 -23.01
CA TYR E 160 -27.22 3.26 -23.01
C TYR E 160 -27.41 4.29 -21.91
N PHE E 161 -26.66 4.14 -20.83
CA PHE E 161 -26.71 5.06 -19.72
C PHE E 161 -26.16 6.42 -20.18
N LEU E 162 -26.74 7.49 -19.66
CA LEU E 162 -26.34 8.83 -20.03
C LEU E 162 -25.69 9.55 -18.86
N PRO E 163 -24.54 10.21 -19.09
CA PRO E 163 -23.87 10.94 -18.02
C PRO E 163 -24.44 12.36 -17.92
N GLY E 164 -24.24 13.01 -16.79
CA GLY E 164 -24.74 14.37 -16.63
C GLY E 164 -24.36 15.27 -17.79
N LYS E 165 -25.23 16.22 -18.12
CA LYS E 165 -25.01 17.18 -19.21
C LYS E 165 -25.24 16.61 -20.60
N ALA E 166 -25.50 15.30 -20.69
CA ALA E 166 -25.74 14.68 -21.97
C ALA E 166 -26.96 15.34 -22.61
N ILE E 167 -26.93 15.50 -23.92
CA ILE E 167 -28.01 16.12 -24.64
C ILE E 167 -28.81 15.12 -25.49
N VAL E 168 -30.12 15.05 -25.24
CA VAL E 168 -30.99 14.14 -25.98
C VAL E 168 -32.02 14.88 -26.83
N GLN E 169 -31.76 14.95 -28.13
CA GLN E 169 -32.69 15.61 -29.06
C GLN E 169 -33.38 14.46 -29.78
N LEU E 170 -34.18 13.73 -29.02
CA LEU E 170 -34.89 12.58 -29.54
C LEU E 170 -36.14 12.46 -28.69
N GLU E 171 -37.20 11.90 -29.25
CA GLU E 171 -38.45 11.74 -28.51
C GLU E 171 -38.65 10.30 -28.07
N ASP E 172 -39.16 10.12 -26.86
CA ASP E 172 -39.40 8.78 -26.33
C ASP E 172 -40.25 7.99 -27.32
N GLY E 173 -39.90 6.72 -27.51
CA GLY E 173 -40.64 5.86 -28.42
C GLY E 173 -40.31 5.97 -29.90
N VAL E 174 -39.64 7.04 -30.32
CA VAL E 174 -39.29 7.20 -31.72
C VAL E 174 -38.46 6.04 -32.24
N GLN E 175 -38.70 5.67 -33.49
CA GLN E 175 -37.99 4.57 -34.14
C GLN E 175 -36.57 5.05 -34.45
N ILE E 176 -35.61 4.13 -34.42
CA ILE E 176 -34.22 4.47 -34.72
C ILE E 176 -33.52 3.32 -35.38
N SER E 177 -32.49 3.65 -36.14
CA SER E 177 -31.73 2.64 -36.83
C SER E 177 -30.31 2.57 -36.27
N SER E 178 -29.72 1.39 -36.36
CA SER E 178 -28.36 1.21 -35.90
C SER E 178 -27.46 2.29 -36.51
N GLY E 179 -26.61 2.91 -35.69
CA GLY E 179 -25.74 3.94 -36.19
C GLY E 179 -26.26 5.33 -35.95
N ASP E 180 -27.52 5.44 -35.55
CA ASP E 180 -28.11 6.75 -35.27
C ASP E 180 -27.57 7.24 -33.94
N THR E 181 -27.46 8.55 -33.80
CA THR E 181 -26.99 9.16 -32.57
C THR E 181 -28.12 9.24 -31.53
N LEU E 182 -27.89 8.62 -30.39
CA LEU E 182 -28.88 8.62 -29.32
C LEU E 182 -28.76 9.91 -28.53
N ALA E 183 -27.54 10.33 -28.24
CA ALA E 183 -27.30 11.53 -27.48
C ALA E 183 -25.89 12.07 -27.73
N ARG E 184 -25.68 13.31 -27.33
CA ARG E 184 -24.37 13.93 -27.49
C ARG E 184 -23.88 14.39 -26.13
N ILE E 185 -22.62 14.11 -25.84
CA ILE E 185 -22.03 14.48 -24.58
C ILE E 185 -21.17 15.71 -24.78
N PRO E 186 -21.61 16.85 -24.22
CA PRO E 186 -20.96 18.16 -24.29
C PRO E 186 -19.55 18.28 -23.75
N GLN E 187 -18.82 19.20 -24.36
CA GLN E 187 -17.43 19.52 -24.06
C GLN E 187 -17.22 20.03 -22.63
N GLU E 188 -16.10 20.70 -22.43
CA GLU E 188 -15.72 21.26 -21.14
C GLU E 188 -15.28 22.72 -21.30
N SER E 189 -16.25 23.61 -21.41
CA SER E 189 -15.98 25.05 -21.57
C SER E 189 -15.05 25.58 -20.47
#